data_3C0Z
#
_entry.id   3C0Z
#
_cell.length_a   81.825
_cell.length_b   81.825
_cell.length_c   148.867
_cell.angle_alpha   90.00
_cell.angle_beta   90.00
_cell.angle_gamma   120.00
#
_symmetry.space_group_name_H-M   'P 32'
#
loop_
_entity.id
_entity.type
_entity.pdbx_description
1 polymer 'Histone deacetylase 7a'
2 non-polymer 'ZINC ION'
3 non-polymer 'POTASSIUM ION'
4 non-polymer 'OCTANEDIOIC ACID HYDROXYAMIDE PHENYLAMIDE'
5 water water
#
_entity_poly.entity_id   1
_entity_poly.type   'polypeptide(L)'
_entity_poly.pdbx_seq_one_letter_code
;GSRAQSSPAAPASLSAPEPASQARVLSSSETPARTLPFTTGLIYDSVMLKHQCSCGDNSRHPEHAGRIQSIWSRLQERGL
RSQCECLRGRKASLEELQSVHSERHVLLYGTNPLSRLKLDNGKLAGLLAQRMFVMLPCGGVGVDTDTIWNELHSSNAARW
AAGSVTDLAFKVASRELKNGFAVVRPPGHHADHSTAMGFCFFNSVAIACRQLQQQSKASKILIVDWDVHHGNGTQQTFYQ
DPSVLYISLHRHDDGNFFPGSGAVDEVGAGSGEGFNVNVAWAGGLDPPMGDPEYLAAFRIVVMPIAREFSPDLVLVSAGF
DAAEGHPAPLGGYHVSAKCFGYMTQQLMNLAGGAVVLALEGGHDLTAICDASEACVAALLGNRVDPLSEEGWKQKPNLNA
IRSLEAVIRVHSKYWGCMQRLAS
;
_entity_poly.pdbx_strand_id   A,B,C
#
loop_
_chem_comp.id
_chem_comp.type
_chem_comp.name
_chem_comp.formula
K non-polymer 'POTASSIUM ION' 'K 1'
SHH non-polymer 'OCTANEDIOIC ACID HYDROXYAMIDE PHENYLAMIDE' 'C14 H20 N2 O3'
ZN non-polymer 'ZINC ION' 'Zn 2'
#
# COMPACT_ATOMS: atom_id res chain seq x y z
N THR A 35 13.73 -8.51 25.45
CA THR A 35 13.87 -7.61 24.25
C THR A 35 14.83 -8.20 23.17
N LEU A 36 14.28 -8.49 21.99
CA LEU A 36 15.06 -9.13 20.89
C LEU A 36 16.39 -8.41 20.60
N PRO A 37 17.46 -9.20 20.45
CA PRO A 37 18.76 -8.68 20.10
C PRO A 37 18.86 -8.40 18.60
N PHE A 38 19.79 -7.52 18.23
CA PHE A 38 20.08 -7.20 16.80
C PHE A 38 18.84 -6.69 16.06
N THR A 39 17.96 -5.98 16.77
CA THR A 39 16.73 -5.44 16.16
C THR A 39 16.89 -3.92 15.92
N THR A 40 18.03 -3.39 16.39
CA THR A 40 18.54 -2.03 16.10
C THR A 40 19.68 -2.00 15.04
N GLY A 41 19.47 -1.34 13.90
CA GLY A 41 20.55 -1.18 12.92
C GLY A 41 21.43 0.05 13.11
N LEU A 42 22.74 -0.09 12.88
CA LEU A 42 23.63 1.03 12.58
C LEU A 42 24.14 0.98 11.12
N ILE A 43 24.20 2.13 10.44
CA ILE A 43 24.79 2.23 9.08
C ILE A 43 25.97 3.17 9.09
N TYR A 44 27.11 2.69 8.60
CA TYR A 44 28.28 3.52 8.45
C TYR A 44 29.13 2.94 7.33
N ASP A 45 29.86 3.80 6.61
CA ASP A 45 30.88 3.33 5.69
C ASP A 45 31.94 4.38 5.40
N SER A 46 33.18 3.94 5.34
CA SER A 46 34.32 4.77 5.01
C SER A 46 34.22 5.51 3.64
N VAL A 47 33.39 5.03 2.72
CA VAL A 47 33.07 5.79 1.48
C VAL A 47 32.76 7.26 1.81
N MET A 48 31.98 7.48 2.86
CA MET A 48 31.50 8.81 3.22
C MET A 48 32.57 9.73 3.77
N LEU A 49 33.73 9.19 4.13
CA LEU A 49 34.85 10.04 4.61
C LEU A 49 35.54 10.79 3.48
N LYS A 50 35.39 10.32 2.24
CA LYS A 50 36.21 10.85 1.14
C LYS A 50 35.69 12.17 0.60
N HIS A 51 34.54 12.61 1.09
CA HIS A 51 33.91 13.87 0.68
C HIS A 51 34.62 15.00 1.42
N GLN A 52 35.67 15.57 0.82
CA GLN A 52 36.53 16.53 1.50
C GLN A 52 36.99 17.56 0.48
N CYS A 53 37.09 18.81 0.90
CA CYS A 53 37.64 19.81 -0.03
C CYS A 53 39.09 19.43 -0.47
N SER A 54 39.45 19.83 -1.68
CA SER A 54 40.82 19.61 -2.14
C SER A 54 41.89 20.45 -1.40
N CYS A 55 41.46 21.54 -0.75
CA CYS A 55 42.35 22.42 0.05
C CYS A 55 42.91 21.73 1.27
N GLY A 56 42.34 20.57 1.63
CA GLY A 56 42.86 19.72 2.71
C GLY A 56 42.87 20.34 4.10
N ASP A 57 41.91 21.21 4.41
CA ASP A 57 41.85 21.92 5.68
C ASP A 57 40.46 21.85 6.32
N ASN A 58 40.31 20.97 7.31
CA ASN A 58 39.09 20.84 8.11
C ASN A 58 38.69 22.13 8.87
N SER A 59 39.63 23.06 9.00
CA SER A 59 39.39 24.32 9.70
C SER A 59 38.49 25.33 8.97
N ARG A 60 38.50 25.38 7.64
CA ARG A 60 37.53 26.27 6.97
C ARG A 60 36.24 25.56 6.47
N HIS A 61 36.08 24.31 6.92
CA HIS A 61 35.06 23.40 6.39
C HIS A 61 34.53 22.52 7.54
N PRO A 62 33.58 23.07 8.34
CA PRO A 62 33.06 22.36 9.51
C PRO A 62 32.38 21.02 9.22
N GLU A 63 31.77 20.86 8.03
CA GLU A 63 31.17 19.57 7.62
C GLU A 63 32.27 18.62 7.07
N HIS A 64 33.06 18.06 8.00
CA HIS A 64 34.26 17.28 7.66
C HIS A 64 34.16 15.83 8.13
N ALA A 65 34.99 14.97 7.51
CA ALA A 65 34.97 13.53 7.71
C ALA A 65 35.12 13.11 9.13
N GLY A 66 35.84 13.91 9.91
CA GLY A 66 36.07 13.61 11.31
C GLY A 66 34.77 13.50 12.11
N ARG A 67 33.75 14.29 11.72
CA ARG A 67 32.37 14.12 12.28
C ARG A 67 31.92 12.66 12.38
N ILE A 68 31.99 11.89 11.27
CA ILE A 68 31.40 10.55 11.34
C ILE A 68 32.32 9.46 11.90
N GLN A 69 33.61 9.68 11.77
CA GLN A 69 34.60 8.72 12.28
C GLN A 69 34.62 8.68 13.81
N SER A 70 34.62 9.86 14.44
CA SER A 70 34.62 9.96 15.88
C SER A 70 33.34 9.32 16.44
N ILE A 71 32.21 9.60 15.80
CA ILE A 71 30.98 8.99 16.22
C ILE A 71 31.10 7.49 16.15
N TRP A 72 31.61 6.98 15.01
CA TRP A 72 31.68 5.54 14.80
C TRP A 72 32.48 4.81 15.88
N SER A 73 33.62 5.38 16.21
CA SER A 73 34.51 4.74 17.17
C SER A 73 33.94 4.80 18.59
N ARG A 74 33.39 5.96 18.97
CA ARG A 74 32.70 6.09 20.26
C ARG A 74 31.67 4.99 20.41
N LEU A 75 30.89 4.71 19.38
CA LEU A 75 29.91 3.63 19.45
C LEU A 75 30.54 2.26 19.77
N GLN A 76 31.76 2.05 19.25
CA GLN A 76 32.51 0.83 19.47
C GLN A 76 33.10 0.79 20.87
N GLU A 77 33.77 1.89 21.26
CA GLU A 77 34.33 2.01 22.61
C GLU A 77 33.30 1.65 23.67
N ARG A 78 32.20 2.40 23.75
CA ARG A 78 31.20 2.15 24.81
C ARG A 78 30.37 0.86 24.60
N GLY A 79 30.74 0.05 23.61
CA GLY A 79 30.15 -1.28 23.49
C GLY A 79 28.75 -1.29 22.94
N LEU A 80 28.41 -0.29 22.14
CA LEU A 80 27.08 -0.26 21.53
C LEU A 80 27.02 -0.93 20.16
N ARG A 81 28.13 -0.81 19.42
CA ARG A 81 28.24 -1.37 18.06
C ARG A 81 27.93 -2.87 17.99
N SER A 82 28.41 -3.60 18.99
CA SER A 82 28.30 -5.08 19.00
C SER A 82 26.86 -5.53 19.16
N GLN A 83 26.04 -4.60 19.67
CA GLN A 83 24.67 -4.91 20.04
C GLN A 83 23.78 -4.72 18.85
N CYS A 84 24.30 -4.01 17.84
CA CYS A 84 23.50 -3.64 16.66
C CYS A 84 23.89 -4.42 15.42
N GLU A 85 22.89 -4.70 14.59
CA GLU A 85 23.11 -5.22 13.27
C GLU A 85 23.78 -4.06 12.56
N CYS A 86 25.09 -4.19 12.32
CA CYS A 86 25.77 -3.15 11.50
C CYS A 86 25.62 -3.38 9.99
N LEU A 87 25.35 -2.28 9.29
CA LEU A 87 25.19 -2.31 7.86
C LEU A 87 26.21 -1.34 7.23
N ARG A 88 26.56 -1.57 5.95
CA ARG A 88 27.56 -0.72 5.27
C ARG A 88 26.83 0.45 4.59
N GLY A 89 25.62 0.17 4.13
CA GLY A 89 24.94 1.06 3.20
C GLY A 89 25.33 0.65 1.79
N ARG A 90 24.95 1.51 0.83
CA ARG A 90 25.17 1.39 -0.58
C ARG A 90 24.83 2.75 -1.19
N LYS A 91 25.03 2.95 -2.51
CA LYS A 91 24.63 4.20 -3.21
C LYS A 91 23.18 4.17 -3.62
N ALA A 92 22.53 5.31 -3.49
CA ALA A 92 21.22 5.42 -4.01
C ALA A 92 21.30 5.33 -5.53
N SER A 93 20.23 4.83 -6.13
CA SER A 93 20.18 4.77 -7.57
C SER A 93 19.75 6.15 -8.02
N LEU A 94 19.98 6.49 -9.28
CA LEU A 94 19.47 7.75 -9.79
C LEU A 94 17.94 7.82 -9.74
N GLU A 95 17.27 6.71 -10.01
CA GLU A 95 15.80 6.63 -9.82
C GLU A 95 15.32 6.93 -8.35
N GLU A 96 15.99 6.36 -7.37
CA GLU A 96 15.73 6.65 -5.97
C GLU A 96 15.93 8.17 -5.75
N LEU A 97 17.01 8.75 -6.28
CA LEU A 97 17.27 10.18 -6.12
C LEU A 97 16.15 11.04 -6.67
N GLN A 98 15.65 10.63 -7.83
CA GLN A 98 14.61 11.34 -8.54
C GLN A 98 13.23 11.20 -7.92
N SER A 99 13.09 10.41 -6.86
CA SER A 99 11.84 10.41 -6.12
C SER A 99 11.63 11.72 -5.35
N VAL A 100 12.72 12.50 -5.21
CA VAL A 100 12.66 13.82 -4.55
C VAL A 100 13.24 14.95 -5.41
N HIS A 101 14.28 14.65 -6.17
CA HIS A 101 15.09 15.68 -6.84
C HIS A 101 14.88 15.66 -8.37
N SER A 102 15.08 16.81 -9.03
CA SER A 102 14.86 16.93 -10.49
C SER A 102 15.86 16.08 -11.26
N GLU A 103 15.54 15.74 -12.51
CA GLU A 103 16.47 14.96 -13.27
C GLU A 103 17.80 15.72 -13.48
N ARG A 104 17.75 17.02 -13.70
CA ARG A 104 18.96 17.81 -13.87
C ARG A 104 19.84 17.83 -12.61
N HIS A 105 19.22 17.95 -11.43
CA HIS A 105 19.98 17.92 -10.13
C HIS A 105 20.64 16.59 -9.96
N VAL A 106 19.93 15.52 -10.29
CA VAL A 106 20.47 14.19 -10.13
C VAL A 106 21.71 13.91 -11.02
N LEU A 107 21.61 14.32 -12.28
CA LEU A 107 22.74 14.17 -13.22
C LEU A 107 23.91 15.03 -12.84
N LEU A 108 23.66 16.25 -12.38
CA LEU A 108 24.73 17.16 -11.87
C LEU A 108 25.53 16.57 -10.70
N TYR A 109 24.82 16.11 -9.68
CA TYR A 109 25.47 15.70 -8.43
C TYR A 109 25.58 14.18 -8.27
N GLY A 110 24.84 13.44 -9.08
CA GLY A 110 24.75 11.97 -8.99
C GLY A 110 25.59 11.22 -10.00
N THR A 111 26.15 11.92 -10.98
CA THR A 111 27.06 11.26 -11.91
C THR A 111 28.45 11.88 -11.91
N ASN A 112 29.39 11.17 -12.53
CA ASN A 112 30.77 11.64 -12.63
C ASN A 112 31.34 11.68 -14.07
N PRO A 113 32.08 12.75 -14.44
CA PRO A 113 32.91 12.56 -15.64
C PRO A 113 34.12 11.70 -15.28
N LEU A 114 34.26 10.53 -15.89
CA LEU A 114 33.44 10.05 -17.01
C LEU A 114 32.91 8.63 -16.68
N SER A 115 31.65 8.58 -16.23
CA SER A 115 30.97 7.36 -15.77
C SER A 115 30.92 6.33 -16.88
N ARG A 116 30.93 5.05 -16.47
CA ARG A 116 30.62 3.94 -17.37
C ARG A 116 29.13 3.98 -17.79
N LEU A 117 28.44 5.04 -17.35
CA LEU A 117 27.00 5.25 -17.54
C LEU A 117 26.50 5.27 -18.97
N LYS A 118 25.34 4.64 -19.16
CA LYS A 118 24.65 4.70 -20.42
C LYS A 118 23.66 5.84 -20.28
N LEU A 119 24.06 7.01 -20.79
CA LEU A 119 23.22 8.21 -20.91
C LEU A 119 23.14 8.64 -22.38
N ASP A 120 21.98 9.11 -22.81
CA ASP A 120 21.80 9.58 -24.17
C ASP A 120 22.48 10.89 -24.41
N ASN A 121 22.75 11.18 -25.67
CA ASN A 121 23.58 12.31 -26.03
C ASN A 121 22.95 13.64 -25.68
N GLY A 122 21.62 13.74 -25.74
CA GLY A 122 20.92 14.92 -25.26
C GLY A 122 21.23 15.29 -23.80
N LYS A 123 21.27 14.29 -22.93
CA LYS A 123 21.69 14.48 -21.53
C LYS A 123 23.17 14.76 -21.41
N LEU A 124 23.99 14.02 -22.15
CA LEU A 124 25.42 14.33 -22.19
C LEU A 124 25.66 15.78 -22.64
N ALA A 125 24.96 16.22 -23.68
CA ALA A 125 25.10 17.59 -24.18
C ALA A 125 24.66 18.63 -23.12
N GLY A 126 23.68 18.27 -22.30
CA GLY A 126 23.19 19.14 -21.24
C GLY A 126 24.28 19.34 -20.20
N LEU A 127 24.97 18.28 -19.82
CA LEU A 127 25.99 18.41 -18.82
C LEU A 127 27.24 19.15 -19.34
N LEU A 128 27.34 19.28 -20.66
CA LEU A 128 28.38 20.13 -21.30
C LEU A 128 28.02 21.59 -21.21
N ALA A 129 26.74 21.92 -21.29
CA ALA A 129 26.32 23.33 -21.13
C ALA A 129 26.73 23.97 -19.80
N GLN A 130 26.93 23.17 -18.77
CA GLN A 130 26.97 23.67 -17.40
C GLN A 130 28.33 24.24 -17.01
N VAL A 134 31.86 26.61 -9.53
CA VAL A 134 32.27 27.66 -8.59
C VAL A 134 33.58 27.44 -7.82
N MET A 135 34.39 28.49 -7.83
CA MET A 135 35.65 28.57 -7.07
C MET A 135 35.45 29.10 -5.64
N LEU A 136 36.11 28.43 -4.70
CA LEU A 136 36.06 28.84 -3.33
C LEU A 136 37.35 29.60 -3.01
N PRO A 137 37.30 30.49 -2.00
CA PRO A 137 38.47 31.19 -1.44
C PRO A 137 39.66 30.26 -1.28
N CYS A 138 39.43 29.02 -0.83
CA CYS A 138 40.51 28.05 -0.55
C CYS A 138 41.09 27.39 -1.82
N GLY A 139 40.55 27.77 -2.99
CA GLY A 139 40.90 27.14 -4.28
C GLY A 139 40.18 25.82 -4.69
N GLY A 140 39.48 25.21 -3.74
CA GLY A 140 38.66 24.05 -4.06
C GLY A 140 37.42 24.42 -4.86
N VAL A 141 36.79 23.41 -5.43
CA VAL A 141 35.54 23.61 -6.17
C VAL A 141 34.40 23.55 -5.16
N GLY A 142 33.35 24.32 -5.38
CA GLY A 142 32.19 24.31 -4.50
C GLY A 142 30.89 24.45 -5.30
N VAL A 143 29.76 24.14 -4.68
CA VAL A 143 28.46 24.54 -5.22
C VAL A 143 28.11 25.98 -4.73
N ASP A 144 28.48 26.32 -3.51
CA ASP A 144 28.45 27.71 -3.04
C ASP A 144 29.57 27.78 -2.05
N THR A 145 29.67 28.89 -1.30
CA THR A 145 30.78 29.17 -0.34
C THR A 145 31.05 28.04 0.65
N ASP A 146 29.97 27.50 1.20
CA ASP A 146 30.02 26.53 2.29
C ASP A 146 30.08 25.12 1.78
N THR A 147 29.46 24.91 0.62
CA THR A 147 29.14 23.58 0.18
C THR A 147 30.20 23.11 -0.85
N ILE A 148 31.10 22.27 -0.37
CA ILE A 148 32.28 21.90 -1.14
C ILE A 148 31.95 20.73 -2.06
N TRP A 149 32.76 20.58 -3.10
CA TRP A 149 32.62 19.47 -4.05
C TRP A 149 33.99 18.88 -4.33
N ASN A 150 34.24 17.68 -3.85
CA ASN A 150 35.34 16.88 -4.34
C ASN A 150 35.02 16.21 -5.69
N GLU A 151 35.82 16.56 -6.71
CA GLU A 151 35.55 16.09 -8.05
C GLU A 151 35.61 14.59 -8.26
N LEU A 152 36.34 13.88 -7.40
CA LEU A 152 36.42 12.40 -7.41
C LEU A 152 35.43 11.68 -6.52
N HIS A 153 35.16 12.28 -5.35
CA HIS A 153 34.57 11.54 -4.24
C HIS A 153 33.21 12.01 -3.72
N SER A 154 32.85 13.29 -3.91
CA SER A 154 31.61 13.82 -3.35
C SER A 154 30.32 13.20 -3.92
N SER A 155 30.29 12.87 -5.21
CA SER A 155 29.08 12.23 -5.74
C SER A 155 28.80 10.86 -5.09
N ASN A 156 29.82 10.05 -4.93
CA ASN A 156 29.68 8.72 -4.34
C ASN A 156 29.25 8.79 -2.86
N ALA A 157 29.89 9.70 -2.11
CA ALA A 157 29.61 9.97 -0.70
C ALA A 157 28.15 10.43 -0.51
N ALA A 158 27.72 11.43 -1.27
CA ALA A 158 26.35 11.89 -1.15
C ALA A 158 25.34 10.81 -1.50
N ARG A 159 25.60 10.08 -2.58
CA ARG A 159 24.69 8.99 -2.97
C ARG A 159 24.69 7.94 -1.90
N TRP A 160 25.84 7.71 -1.30
CA TRP A 160 25.96 6.68 -0.31
C TRP A 160 25.17 7.02 0.97
N ALA A 161 25.25 8.28 1.43
CA ALA A 161 24.45 8.80 2.57
C ALA A 161 22.98 8.50 2.34
N ALA A 162 22.50 8.83 1.14
CA ALA A 162 21.09 8.69 0.84
C ALA A 162 20.63 7.24 0.76
N GLY A 163 21.47 6.37 0.16
CA GLY A 163 21.11 4.95 0.01
C GLY A 163 21.22 4.21 1.33
N SER A 164 22.11 4.70 2.17
CA SER A 164 22.27 4.14 3.51
C SER A 164 21.05 4.38 4.40
N VAL A 165 20.47 5.57 4.31
CA VAL A 165 19.29 5.92 5.10
C VAL A 165 18.07 5.20 4.51
N THR A 166 17.95 5.20 3.19
CA THR A 166 16.94 4.43 2.53
C THR A 166 16.95 2.95 2.94
N ASP A 167 18.14 2.37 3.04
CA ASP A 167 18.29 0.93 3.24
C ASP A 167 17.95 0.58 4.69
N LEU A 168 18.58 1.31 5.64
CA LEU A 168 18.25 1.21 7.06
C LEU A 168 16.76 1.32 7.33
N ALA A 169 16.11 2.29 6.71
CA ALA A 169 14.68 2.48 6.81
C ALA A 169 13.83 1.29 6.30
N PHE A 170 14.24 0.72 5.17
CA PHE A 170 13.50 -0.37 4.51
C PHE A 170 13.42 -1.60 5.42
N LYS A 171 14.54 -1.87 6.08
CA LYS A 171 14.64 -2.88 7.08
C LYS A 171 13.64 -2.71 8.23
N VAL A 172 13.52 -1.47 8.74
CA VAL A 172 12.55 -1.11 9.79
C VAL A 172 11.11 -1.26 9.26
N ALA A 173 10.81 -0.67 8.11
CA ALA A 173 9.49 -0.84 7.43
C ALA A 173 9.02 -2.29 7.29
N SER A 174 9.96 -3.18 6.95
CA SER A 174 9.65 -4.57 6.63
C SER A 174 9.45 -5.32 7.94
N ARG A 175 9.82 -4.65 9.04
CA ARG A 175 9.73 -5.20 10.40
C ARG A 175 10.89 -6.13 10.68
N GLU A 176 11.90 -6.06 9.83
CA GLU A 176 13.06 -6.91 10.00
C GLU A 176 14.15 -6.37 10.92
N LEU A 177 13.98 -5.11 11.36
CA LEU A 177 14.72 -4.47 12.50
C LEU A 177 13.72 -3.63 13.31
N LYS A 178 14.05 -3.29 14.55
CA LYS A 178 13.03 -2.55 15.36
C LYS A 178 13.08 -1.04 15.02
N ASN A 179 14.24 -0.46 15.27
CA ASN A 179 14.61 0.91 14.97
C ASN A 179 16.07 0.96 14.45
N GLY A 180 16.64 2.17 14.30
CA GLY A 180 18.07 2.30 13.92
C GLY A 180 18.64 3.70 13.73
N PHE A 181 19.97 3.80 13.63
CA PHE A 181 20.69 5.06 13.56
C PHE A 181 21.70 5.09 12.41
N ALA A 182 21.56 6.07 11.50
CA ALA A 182 22.41 6.22 10.30
C ALA A 182 23.52 7.24 10.47
N VAL A 183 24.76 6.74 10.50
CA VAL A 183 25.90 7.60 10.81
C VAL A 183 26.45 8.10 9.46
N VAL A 184 25.82 9.15 8.94
CA VAL A 184 26.04 9.59 7.55
C VAL A 184 26.47 11.03 7.33
N ARG A 185 27.28 11.22 6.29
CA ARG A 185 27.54 12.56 5.72
C ARG A 185 27.80 12.42 4.19
N PRO A 186 27.63 13.50 3.41
CA PRO A 186 27.19 14.80 3.91
C PRO A 186 25.72 14.78 4.35
N PRO A 187 25.28 15.87 5.01
CA PRO A 187 23.90 15.98 5.49
C PRO A 187 22.90 16.15 4.36
N GLY A 188 21.61 16.16 4.66
CA GLY A 188 20.56 16.07 3.62
C GLY A 188 19.49 17.16 3.61
N HIS A 189 19.17 17.70 4.80
CA HIS A 189 17.88 18.37 5.00
C HIS A 189 17.68 19.74 4.35
N HIS A 190 18.75 20.39 3.88
CA HIS A 190 18.62 21.62 3.14
C HIS A 190 18.48 21.44 1.63
N ALA A 191 18.74 20.24 1.11
CA ALA A 191 18.67 20.02 -0.34
C ALA A 191 17.20 19.95 -0.78
N ASP A 192 16.81 20.84 -1.70
CA ASP A 192 15.43 20.89 -2.22
C ASP A 192 15.43 20.16 -3.59
N HIS A 193 14.30 20.20 -4.27
CA HIS A 193 14.11 19.54 -5.57
C HIS A 193 15.27 19.72 -6.59
N SER A 194 15.74 20.94 -6.71
CA SER A 194 16.84 21.19 -7.63
C SER A 194 17.82 22.17 -7.01
N THR A 195 18.08 22.03 -5.70
CA THR A 195 19.02 22.91 -4.99
C THR A 195 19.84 22.18 -3.96
N ALA A 196 21.16 22.22 -4.16
CA ALA A 196 22.15 21.85 -3.14
C ALA A 196 22.54 23.12 -2.44
N MET A 197 22.59 23.09 -1.10
CA MET A 197 22.95 24.25 -0.26
C MET A 197 23.13 23.75 1.15
N GLY A 198 23.84 24.54 1.97
CA GLY A 198 23.97 24.22 3.36
C GLY A 198 24.62 22.91 3.68
N PHE A 199 25.67 22.55 2.93
CA PHE A 199 26.39 21.31 3.16
C PHE A 199 25.73 20.06 2.59
N CYS A 200 24.55 20.21 1.94
CA CYS A 200 23.67 19.12 1.52
C CYS A 200 23.51 19.08 0.03
N PHE A 201 23.40 17.86 -0.49
CA PHE A 201 23.23 17.64 -1.94
C PHE A 201 21.99 16.85 -2.28
N PHE A 202 21.77 15.76 -1.55
CA PHE A 202 20.53 15.04 -1.69
C PHE A 202 19.89 14.90 -0.30
N ASN A 203 18.58 15.00 -0.28
CA ASN A 203 17.85 14.96 0.96
C ASN A 203 17.60 13.52 1.36
N SER A 204 18.62 12.93 1.94
CA SER A 204 18.62 11.49 2.33
C SER A 204 17.37 11.09 3.08
N VAL A 205 16.93 11.91 4.02
CA VAL A 205 15.73 11.57 4.82
C VAL A 205 14.47 11.57 3.96
N ALA A 206 14.30 12.58 3.10
CA ALA A 206 13.11 12.65 2.27
C ALA A 206 13.04 11.55 1.23
N ILE A 207 14.19 11.16 0.67
CA ILE A 207 14.33 10.04 -0.25
C ILE A 207 13.90 8.72 0.42
N ALA A 208 14.47 8.38 1.57
CA ALA A 208 14.00 7.29 2.39
C ALA A 208 12.48 7.33 2.62
N CYS A 209 11.96 8.49 3.03
CA CYS A 209 10.51 8.65 3.16
C CYS A 209 9.76 8.20 1.92
N ARG A 210 10.04 8.83 0.78
CA ARG A 210 9.39 8.48 -0.48
C ARG A 210 9.53 6.99 -0.83
N GLN A 211 10.72 6.44 -0.65
CA GLN A 211 10.95 5.06 -1.02
C GLN A 211 10.03 4.16 -0.21
N LEU A 212 10.10 4.29 1.12
CA LEU A 212 9.21 3.62 2.04
C LEU A 212 7.75 3.65 1.60
N GLN A 213 7.30 4.80 1.11
CA GLN A 213 5.90 4.93 0.80
C GLN A 213 5.53 4.19 -0.48
N GLN A 214 6.49 4.16 -1.42
CA GLN A 214 6.38 3.41 -2.67
C GLN A 214 6.15 1.92 -2.37
N GLN A 215 6.99 1.43 -1.47
CA GLN A 215 6.99 0.04 -1.00
C GLN A 215 5.92 -0.42 0.01
N SER A 216 5.11 0.48 0.57
CA SER A 216 4.02 0.13 1.48
C SER A 216 2.90 1.16 1.29
N LYS A 217 1.88 0.81 0.51
CA LYS A 217 0.84 1.78 0.06
C LYS A 217 0.06 2.36 1.23
N ALA A 218 -0.21 3.67 1.14
CA ALA A 218 -0.95 4.45 2.13
C ALA A 218 -0.29 4.60 3.50
N SER A 219 0.94 4.14 3.67
CA SER A 219 1.62 4.37 4.94
C SER A 219 1.79 5.90 5.24
N LYS A 220 1.87 6.21 6.54
CA LYS A 220 1.89 7.59 6.99
C LYS A 220 3.21 7.75 7.64
N ILE A 221 3.94 8.78 7.25
CA ILE A 221 5.30 8.95 7.77
C ILE A 221 5.48 10.29 8.47
N LEU A 222 6.04 10.23 9.68
CA LEU A 222 6.35 11.41 10.48
C LEU A 222 7.84 11.65 10.33
N ILE A 223 8.20 12.88 9.96
CA ILE A 223 9.62 13.28 9.99
C ILE A 223 9.79 14.35 11.07
N VAL A 224 10.63 14.03 12.05
CA VAL A 224 10.98 14.96 13.10
C VAL A 224 12.38 15.52 12.81
N ASP A 225 12.51 16.84 12.75
CA ASP A 225 13.83 17.41 12.45
C ASP A 225 14.31 18.27 13.66
N TRP A 226 15.22 17.73 14.48
CA TRP A 226 15.70 18.47 15.68
C TRP A 226 17.08 19.12 15.48
N ASP A 227 17.62 19.03 14.27
CA ASP A 227 18.71 19.87 13.88
C ASP A 227 18.32 21.38 14.16
N VAL A 228 19.27 22.19 14.61
CA VAL A 228 18.99 23.57 14.98
C VAL A 228 18.54 24.44 13.78
N HIS A 229 18.83 23.98 12.54
CA HIS A 229 18.45 24.70 11.33
C HIS A 229 17.11 24.16 10.84
N HIS A 230 16.27 25.02 10.27
CA HIS A 230 15.12 24.50 9.51
C HIS A 230 15.55 23.63 8.29
N GLY A 231 14.88 22.50 8.12
CA GLY A 231 15.07 21.63 6.97
C GLY A 231 14.16 22.07 5.86
N ASN A 232 14.53 23.19 5.24
CA ASN A 232 13.80 23.74 4.13
C ASN A 232 13.53 22.72 3.02
N GLY A 233 14.51 21.94 2.62
CA GLY A 233 14.24 21.00 1.52
C GLY A 233 13.16 19.97 1.91
N THR A 234 13.26 19.42 3.12
CA THR A 234 12.21 18.49 3.61
C THR A 234 10.83 19.15 3.64
N GLN A 235 10.70 20.35 4.21
CA GLN A 235 9.41 21.03 4.26
C GLN A 235 8.86 21.20 2.86
N GLN A 236 9.71 21.60 1.92
CA GLN A 236 9.20 21.81 0.56
C GLN A 236 8.83 20.52 -0.15
N THR A 237 9.62 19.46 0.04
CA THR A 237 9.29 18.21 -0.59
C THR A 237 7.83 17.74 -0.24
N PHE A 238 7.48 17.82 1.05
CA PHE A 238 6.23 17.24 1.54
C PHE A 238 5.14 18.25 1.83
N TYR A 239 5.37 19.48 1.42
CA TYR A 239 4.48 20.57 1.75
C TYR A 239 3.00 20.39 1.36
N GLN A 240 2.75 19.71 0.23
CA GLN A 240 1.37 19.58 -0.24
C GLN A 240 0.87 18.14 -0.10
N ASP A 241 1.52 17.39 0.78
CA ASP A 241 1.38 15.95 0.93
C ASP A 241 0.88 15.50 2.33
N PRO A 242 -0.46 15.26 2.51
CA PRO A 242 -0.97 14.83 3.83
C PRO A 242 -0.44 13.49 4.33
N SER A 243 0.29 12.73 3.51
CA SER A 243 0.78 11.41 3.95
C SER A 243 2.06 11.54 4.80
N VAL A 244 2.64 12.73 4.80
CA VAL A 244 3.90 12.91 5.54
C VAL A 244 3.67 14.11 6.46
N LEU A 245 3.95 13.90 7.74
CA LEU A 245 3.88 14.97 8.71
C LEU A 245 5.33 15.40 9.00
N TYR A 246 5.61 16.68 8.80
CA TYR A 246 6.93 17.22 9.09
C TYR A 246 6.88 18.14 10.30
N ILE A 247 7.65 17.80 11.29
CA ILE A 247 7.81 18.66 12.47
C ILE A 247 9.28 19.05 12.61
N SER A 248 9.54 20.33 12.52
CA SER A 248 10.88 20.80 12.71
C SER A 248 10.93 21.67 13.98
N LEU A 249 11.98 21.53 14.78
CA LEU A 249 12.31 22.50 15.83
C LEU A 249 13.55 23.21 15.32
N HIS A 250 13.55 24.53 15.27
CA HIS A 250 14.77 25.21 14.77
C HIS A 250 14.84 26.60 15.33
N ARG A 251 16.07 27.11 15.44
CA ARG A 251 16.24 28.53 15.76
C ARG A 251 15.73 29.36 14.57
N HIS A 252 14.79 30.26 14.81
CA HIS A 252 14.23 31.01 13.69
C HIS A 252 14.49 32.53 13.86
N ASP A 253 14.20 33.08 15.03
CA ASP A 253 14.55 34.51 15.33
C ASP A 253 14.07 35.43 14.23
N ASP A 254 12.80 35.29 13.86
CA ASP A 254 12.14 36.17 12.87
C ASP A 254 12.87 36.28 11.53
N GLY A 255 13.27 35.12 10.99
CA GLY A 255 13.79 35.06 9.64
C GLY A 255 15.28 35.31 9.52
N ASN A 256 15.96 35.41 10.66
CA ASN A 256 17.37 35.83 10.68
C ASN A 256 18.36 34.78 11.20
N PHE A 257 18.15 33.49 10.87
CA PHE A 257 19.13 32.42 11.13
C PHE A 257 19.05 31.43 9.96
N PHE A 258 20.20 30.91 9.54
CA PHE A 258 20.27 30.06 8.38
C PHE A 258 19.25 28.91 8.53
N PRO A 259 18.46 28.65 7.48
CA PRO A 259 18.39 29.36 6.19
C PRO A 259 17.35 30.50 5.98
N GLY A 260 16.64 30.95 7.01
CA GLY A 260 15.67 32.02 6.85
C GLY A 260 14.28 31.51 6.63
N SER A 261 14.16 30.20 6.56
CA SER A 261 12.92 29.59 6.13
C SER A 261 12.14 29.06 7.35
N GLY A 262 10.92 28.58 7.13
CA GLY A 262 10.23 27.81 8.16
C GLY A 262 9.64 28.58 9.34
N ALA A 263 8.92 29.67 9.00
CA ALA A 263 8.06 30.41 9.91
C ALA A 263 6.87 29.56 10.42
N VAL A 264 6.42 29.88 11.63
CA VAL A 264 5.33 29.16 12.30
C VAL A 264 4.03 29.07 11.49
N ASP A 265 3.75 30.10 10.66
CA ASP A 265 2.51 30.17 9.86
C ASP A 265 2.52 29.25 8.63
N GLU A 266 3.69 28.73 8.30
CA GLU A 266 3.83 27.70 7.24
C GLU A 266 3.36 26.34 7.70
N VAL A 267 2.14 26.06 7.32
CA VAL A 267 1.46 24.85 7.76
C VAL A 267 1.30 23.75 6.72
N GLY A 268 1.72 24.01 5.47
CA GLY A 268 1.40 23.13 4.37
C GLY A 268 0.35 23.78 3.47
N ALA A 269 0.09 23.19 2.32
CA ALA A 269 -0.87 23.80 1.38
C ALA A 269 -1.67 22.69 0.68
N GLY A 270 -2.81 23.04 0.14
CA GLY A 270 -3.69 22.04 -0.46
C GLY A 270 -4.05 20.92 0.48
N SER A 271 -3.99 19.70 -0.02
CA SER A 271 -4.21 18.52 0.76
C SER A 271 -3.32 18.44 1.98
N GLY A 272 -2.11 19.00 1.88
CA GLY A 272 -1.14 18.87 2.98
C GLY A 272 -1.24 19.95 4.05
N GLU A 273 -2.25 20.80 3.96
CA GLU A 273 -2.45 21.88 4.95
C GLU A 273 -2.68 21.28 6.33
N GLY A 274 -1.83 21.66 7.29
CA GLY A 274 -1.88 21.09 8.61
C GLY A 274 -0.75 20.10 8.93
N PHE A 275 -0.02 19.63 7.91
CA PHE A 275 0.86 18.54 8.11
C PHE A 275 2.33 19.00 8.10
N ASN A 276 2.54 20.31 8.20
CA ASN A 276 3.87 20.91 8.33
C ASN A 276 3.88 21.71 9.62
N VAL A 277 4.65 21.26 10.60
CA VAL A 277 4.71 21.96 11.89
C VAL A 277 6.08 22.57 12.18
N ASN A 278 6.16 23.92 12.10
CA ASN A 278 7.41 24.63 12.43
C ASN A 278 7.45 25.15 13.87
N VAL A 279 8.17 24.45 14.75
CA VAL A 279 8.43 24.98 16.07
C VAL A 279 9.58 25.97 15.88
N ALA A 280 9.22 27.17 15.45
CA ALA A 280 10.16 28.22 15.11
C ALA A 280 10.46 29.03 16.36
N TRP A 281 11.62 28.80 16.95
CA TRP A 281 12.03 29.48 18.16
C TRP A 281 12.32 30.93 17.86
N ALA A 282 11.71 31.83 18.61
CA ALA A 282 11.92 33.25 18.37
C ALA A 282 12.66 33.88 19.55
N GLY A 283 13.42 34.92 19.25
CA GLY A 283 13.88 35.78 20.33
C GLY A 283 15.35 35.71 20.69
N GLY A 284 16.10 34.83 20.04
CA GLY A 284 17.55 34.81 20.19
C GLY A 284 18.10 33.84 21.22
N LEU A 285 19.36 34.10 21.64
CA LEU A 285 20.22 33.23 22.45
C LEU A 285 20.25 33.60 23.94
N ASP A 286 19.91 34.86 24.17
CA ASP A 286 19.66 35.37 25.50
C ASP A 286 18.18 35.65 25.55
N PRO A 287 17.45 34.92 26.42
CA PRO A 287 17.80 33.87 27.44
C PRO A 287 18.27 32.52 26.89
N PRO A 288 18.60 31.54 27.78
CA PRO A 288 19.30 30.33 27.33
C PRO A 288 18.38 29.20 26.82
N MET A 289 18.56 28.80 25.56
CA MET A 289 17.67 27.83 24.88
C MET A 289 18.27 26.45 24.98
N GLY A 290 17.57 25.53 25.62
CA GLY A 290 18.18 24.26 25.96
C GLY A 290 17.18 23.18 26.32
N ASP A 291 17.55 22.33 27.27
CA ASP A 291 16.72 21.21 27.68
C ASP A 291 15.25 21.47 28.12
N PRO A 292 15.01 22.53 28.98
CA PRO A 292 13.62 22.70 29.40
C PRO A 292 12.74 23.11 28.22
N GLU A 293 13.30 23.86 27.27
CA GLU A 293 12.59 24.29 26.08
C GLU A 293 12.25 23.10 25.14
N TYR A 294 13.20 22.21 24.97
CA TYR A 294 13.08 21.09 24.06
C TYR A 294 12.18 20.06 24.70
N LEU A 295 12.41 19.76 25.99
CA LEU A 295 11.49 18.87 26.67
C LEU A 295 10.09 19.46 26.59
N ALA A 296 9.94 20.77 26.84
CA ALA A 296 8.60 21.35 26.82
C ALA A 296 8.01 21.23 25.40
N ALA A 297 8.87 21.50 24.40
CA ALA A 297 8.43 21.41 22.99
C ALA A 297 7.90 20.01 22.70
N PHE A 298 8.62 18.98 23.18
CA PHE A 298 8.14 17.60 23.10
C PHE A 298 6.82 17.28 23.81
N ARG A 299 6.70 17.72 25.07
CA ARG A 299 5.50 17.46 25.90
C ARG A 299 4.30 18.05 25.26
N ILE A 300 4.47 19.28 24.75
CA ILE A 300 3.31 20.12 24.38
C ILE A 300 2.93 20.04 22.94
N VAL A 301 3.93 20.00 22.05
CA VAL A 301 3.64 20.00 20.62
C VAL A 301 4.01 18.65 19.91
N VAL A 302 5.26 18.19 20.06
CA VAL A 302 5.78 17.09 19.21
C VAL A 302 4.99 15.84 19.48
N MET A 303 4.88 15.47 20.75
CA MET A 303 4.29 14.18 21.05
C MET A 303 2.79 14.13 20.83
N PRO A 304 2.05 15.14 21.33
CA PRO A 304 0.62 15.13 21.10
C PRO A 304 0.24 15.20 19.61
N ILE A 305 0.90 16.05 18.82
CA ILE A 305 0.56 16.06 17.42
C ILE A 305 0.93 14.70 16.80
N ALA A 306 2.08 14.15 17.18
CA ALA A 306 2.53 12.88 16.57
C ALA A 306 1.56 11.74 16.85
N ARG A 307 1.02 11.69 18.08
CA ARG A 307 0.12 10.58 18.41
C ARG A 307 -1.20 10.70 17.69
N GLU A 308 -1.63 11.92 17.46
CA GLU A 308 -2.86 12.18 16.74
C GLU A 308 -2.70 11.76 15.27
N PHE A 309 -1.55 12.08 14.72
CA PHE A 309 -1.23 11.70 13.34
C PHE A 309 -1.21 10.18 13.15
N SER A 310 -0.65 9.51 14.14
CA SER A 310 -0.48 8.07 14.19
C SER A 310 0.43 7.56 13.05
N PRO A 311 1.76 7.80 13.16
CA PRO A 311 2.66 7.42 12.05
C PRO A 311 2.96 5.93 11.96
N ASP A 312 3.01 5.42 10.73
CA ASP A 312 3.50 4.05 10.50
C ASP A 312 4.98 3.90 10.73
N LEU A 313 5.73 4.99 10.59
CA LEU A 313 7.15 5.02 10.85
C LEU A 313 7.63 6.47 11.11
N VAL A 314 8.69 6.62 11.88
CA VAL A 314 9.22 7.94 12.22
C VAL A 314 10.63 8.01 11.73
N LEU A 315 10.92 8.97 10.86
CA LEU A 315 12.28 9.30 10.45
C LEU A 315 12.75 10.53 11.20
N VAL A 316 13.99 10.53 11.68
CA VAL A 316 14.47 11.71 12.42
C VAL A 316 15.65 12.33 11.74
N SER A 317 15.50 13.59 11.34
CA SER A 317 16.65 14.37 10.93
C SER A 317 17.41 14.80 12.18
N ALA A 318 18.41 13.98 12.53
CA ALA A 318 19.07 14.09 13.82
C ALA A 318 20.38 14.89 13.73
N GLY A 319 20.25 16.21 13.69
CA GLY A 319 21.37 17.10 13.73
C GLY A 319 21.64 17.28 15.19
N PHE A 320 22.91 17.55 15.53
CA PHE A 320 23.27 17.77 16.92
C PHE A 320 23.85 19.12 17.19
N ASP A 321 23.56 20.08 16.31
CA ASP A 321 24.06 21.44 16.43
C ASP A 321 23.30 22.36 17.41
N ALA A 322 22.19 21.86 17.95
CA ALA A 322 21.51 22.46 19.11
C ALA A 322 22.20 21.98 20.39
N ALA A 323 23.18 21.07 20.26
CA ALA A 323 24.03 20.70 21.42
C ALA A 323 24.93 21.84 21.90
N GLU A 324 25.20 21.78 23.22
CA GLU A 324 26.14 22.64 23.90
C GLU A 324 27.47 22.37 23.18
N GLY A 325 28.21 23.42 22.84
CA GLY A 325 29.50 23.29 22.13
C GLY A 325 29.46 23.93 20.75
N HIS A 326 28.41 24.67 20.48
CA HIS A 326 28.26 25.34 19.20
C HIS A 326 28.07 26.81 19.53
N PRO A 327 29.08 27.65 19.21
CA PRO A 327 29.05 29.13 19.39
C PRO A 327 27.90 29.79 18.65
N ALA A 328 27.47 30.96 19.11
CA ALA A 328 26.46 31.77 18.40
C ALA A 328 26.17 31.41 16.92
N PRO A 329 27.13 31.65 15.99
CA PRO A 329 26.71 31.63 14.59
C PRO A 329 26.37 30.21 14.07
N LEU A 330 26.82 29.20 14.79
CA LEU A 330 26.64 27.81 14.42
C LEU A 330 25.48 27.10 15.15
N GLY A 331 24.73 27.87 15.95
CA GLY A 331 23.72 27.38 16.89
C GLY A 331 23.49 28.29 18.08
N GLY A 332 24.37 28.19 19.09
CA GLY A 332 24.18 28.98 20.31
C GLY A 332 23.25 28.36 21.36
N TYR A 333 22.86 27.09 21.20
CA TYR A 333 21.95 26.42 22.15
C TYR A 333 22.72 25.51 23.06
N HIS A 334 22.00 24.93 24.03
CA HIS A 334 22.59 24.15 25.11
C HIS A 334 21.93 22.84 25.36
N VAL A 335 21.39 22.20 24.31
CA VAL A 335 20.71 20.91 24.52
C VAL A 335 21.77 19.89 24.89
N SER A 336 21.41 18.96 25.78
CA SER A 336 22.34 17.99 26.30
C SER A 336 22.13 16.65 25.61
N ALA A 337 23.12 15.78 25.77
CA ALA A 337 23.14 14.45 25.19
C ALA A 337 22.01 13.59 25.74
N LYS A 338 21.82 13.66 27.07
CA LYS A 338 20.70 12.95 27.74
C LYS A 338 19.35 13.32 27.16
N CYS A 339 19.15 14.62 26.92
CA CYS A 339 17.92 15.17 26.34
C CYS A 339 17.68 14.60 24.93
N PHE A 340 18.71 14.58 24.09
CA PHE A 340 18.64 13.93 22.77
C PHE A 340 18.31 12.50 22.96
N GLY A 341 18.95 11.89 23.96
CA GLY A 341 18.60 10.51 24.33
C GLY A 341 17.15 10.33 24.72
N TYR A 342 16.64 11.26 25.55
CA TYR A 342 15.22 11.17 26.02
C TYR A 342 14.22 11.41 24.87
N MET A 343 14.55 12.38 24.02
CA MET A 343 13.72 12.70 22.88
C MET A 343 13.63 11.46 21.99
N THR A 344 14.79 10.85 21.71
CA THR A 344 14.82 9.56 20.99
C THR A 344 13.90 8.57 21.68
N GLN A 345 14.07 8.45 23.00
CA GLN A 345 13.27 7.49 23.79
C GLN A 345 11.76 7.76 23.64
N GLN A 346 11.36 9.03 23.67
CA GLN A 346 9.94 9.31 23.53
C GLN A 346 9.43 8.92 22.17
N LEU A 347 10.19 9.24 21.12
CA LEU A 347 9.75 8.89 19.74
C LEU A 347 9.55 7.38 19.52
N MET A 348 10.24 6.58 20.32
CA MET A 348 10.07 5.12 20.31
C MET A 348 8.71 4.60 20.80
N ASN A 349 7.96 5.44 21.50
CA ASN A 349 6.59 5.12 21.80
C ASN A 349 5.66 5.23 20.59
N LEU A 350 6.18 5.75 19.47
CA LEU A 350 5.35 5.90 18.28
C LEU A 350 5.59 4.83 17.26
N ALA A 351 4.57 4.56 16.45
CA ALA A 351 4.70 3.75 15.24
C ALA A 351 5.10 2.32 15.58
N GLY A 352 4.64 1.83 16.74
CA GLY A 352 5.02 0.47 17.12
C GLY A 352 6.48 0.40 17.52
N GLY A 353 7.16 1.54 17.67
CA GLY A 353 8.63 1.56 17.77
C GLY A 353 9.44 1.72 16.44
N ALA A 354 8.77 1.83 15.31
CA ALA A 354 9.58 1.96 14.05
C ALA A 354 10.22 3.40 13.87
N VAL A 355 11.44 3.55 14.36
CA VAL A 355 12.16 4.84 14.43
C VAL A 355 13.58 4.73 13.80
N VAL A 356 13.91 5.68 12.92
CA VAL A 356 15.18 5.68 12.19
C VAL A 356 15.79 7.07 12.33
N LEU A 357 16.94 7.22 13.00
CA LEU A 357 17.61 8.54 13.05
C LEU A 357 18.65 8.60 11.92
N ALA A 358 18.77 9.77 11.29
CA ALA A 358 19.92 10.04 10.38
C ALA A 358 20.67 11.29 10.76
N LEU A 359 21.99 11.19 10.81
CA LEU A 359 22.82 12.33 11.06
C LEU A 359 22.57 13.45 10.07
N GLU A 360 22.43 14.67 10.60
CA GLU A 360 22.35 15.86 9.80
C GLU A 360 23.52 16.72 10.21
N GLY A 361 23.26 17.85 10.85
CA GLY A 361 24.31 18.82 11.19
C GLY A 361 24.91 18.60 12.58
N GLY A 362 25.65 19.58 13.07
CA GLY A 362 26.28 19.39 14.37
C GLY A 362 27.72 18.98 14.10
N HIS A 363 28.67 19.74 14.63
CA HIS A 363 30.09 19.46 14.35
C HIS A 363 31.07 19.51 15.54
N ASP A 364 30.62 19.82 16.76
CA ASP A 364 31.52 19.73 17.92
C ASP A 364 31.65 18.28 18.16
N LEU A 365 32.87 17.74 18.09
CA LEU A 365 33.03 16.27 18.10
C LEU A 365 32.56 15.65 19.40
N THR A 366 32.94 16.23 20.54
CA THR A 366 32.53 15.62 21.83
C THR A 366 31.00 15.68 21.97
N ALA A 367 30.46 16.87 21.76
CA ALA A 367 29.00 17.07 21.70
C ALA A 367 28.25 16.09 20.76
N ILE A 368 28.71 15.93 19.52
CA ILE A 368 28.02 15.03 18.58
C ILE A 368 28.20 13.56 18.98
N CYS A 369 29.37 13.20 19.51
CA CYS A 369 29.64 11.82 20.00
C CYS A 369 28.82 11.46 21.26
N ASP A 370 28.81 12.36 22.24
CA ASP A 370 27.93 12.22 23.43
C ASP A 370 26.45 12.03 23.04
N ALA A 371 25.97 12.92 22.17
CA ALA A 371 24.57 12.85 21.69
C ALA A 371 24.33 11.60 20.91
N SER A 372 25.22 11.23 19.98
CA SER A 372 25.04 9.98 19.22
C SER A 372 24.95 8.73 20.12
N GLU A 373 25.79 8.71 21.15
CA GLU A 373 25.86 7.62 22.17
C GLU A 373 24.55 7.48 22.95
N ALA A 374 24.13 8.59 23.51
CA ALA A 374 22.84 8.72 24.18
C ALA A 374 21.68 8.24 23.30
N CYS A 375 21.63 8.71 22.03
CA CYS A 375 20.59 8.26 21.13
C CYS A 375 20.66 6.76 20.86
N VAL A 376 21.86 6.22 20.70
CA VAL A 376 21.92 4.79 20.35
C VAL A 376 21.58 3.90 21.59
N ALA A 377 22.02 4.26 22.78
CA ALA A 377 21.53 3.55 24.01
C ALA A 377 19.99 3.49 24.08
N ALA A 378 19.35 4.60 23.70
CA ALA A 378 17.93 4.72 23.83
C ALA A 378 17.30 3.81 22.83
N LEU A 379 17.88 3.76 21.63
CA LEU A 379 17.33 2.90 20.58
C LEU A 379 17.32 1.44 21.00
N LEU A 380 18.40 1.08 21.70
CA LEU A 380 18.62 -0.28 22.21
C LEU A 380 17.64 -0.66 23.32
N GLY A 381 17.19 0.33 24.08
CA GLY A 381 16.14 0.13 25.07
C GLY A 381 16.51 0.62 26.45
N ASN A 382 17.66 1.27 26.56
CA ASN A 382 17.97 2.06 27.73
C ASN A 382 16.93 3.13 27.93
N ARG A 383 16.54 3.33 29.19
CA ARG A 383 15.56 4.33 29.63
C ARG A 383 16.28 5.40 30.46
N VAL A 384 16.09 6.67 30.11
CA VAL A 384 16.60 7.82 30.89
C VAL A 384 15.65 8.12 32.04
N ASP A 385 16.24 8.51 33.16
CA ASP A 385 15.49 8.89 34.36
C ASP A 385 15.35 10.40 34.34
N PRO A 386 14.15 10.90 33.98
CA PRO A 386 13.93 12.33 33.89
C PRO A 386 14.11 13.02 35.27
N LEU A 387 14.01 12.23 36.33
CA LEU A 387 14.26 12.74 37.69
C LEU A 387 15.72 12.83 38.02
N SER A 388 16.54 12.19 37.21
CA SER A 388 18.00 12.19 37.43
C SER A 388 18.59 13.57 37.28
N GLU A 389 17.89 14.44 36.55
CA GLU A 389 18.50 15.71 36.13
C GLU A 389 17.83 16.90 36.78
N GLU A 390 18.64 17.69 37.47
CA GLU A 390 18.13 18.74 38.33
C GLU A 390 17.65 19.84 37.44
N GLY A 391 18.48 20.19 36.45
CA GLY A 391 18.20 21.29 35.53
C GLY A 391 16.93 21.13 34.70
N TRP A 392 16.36 19.92 34.74
CA TRP A 392 15.11 19.53 34.08
C TRP A 392 13.88 19.83 34.96
N LYS A 393 14.14 20.41 36.14
CA LYS A 393 13.09 20.86 37.03
C LYS A 393 12.73 22.29 36.67
N GLN A 394 13.64 22.97 35.99
CA GLN A 394 13.51 24.36 35.56
C GLN A 394 12.43 24.52 34.47
N LYS A 395 11.67 25.62 34.53
CA LYS A 395 10.59 25.97 33.59
C LYS A 395 11.20 26.38 32.26
N PRO A 396 10.50 26.12 31.12
CA PRO A 396 11.03 26.66 29.88
C PRO A 396 11.03 28.17 29.91
N ASN A 397 11.98 28.77 29.20
CA ASN A 397 12.08 30.20 29.14
C ASN A 397 10.91 30.82 28.38
N LEU A 398 10.74 32.13 28.58
CA LEU A 398 9.53 32.83 28.13
C LEU A 398 9.48 32.97 26.63
N ASN A 399 10.63 33.20 26.01
CA ASN A 399 10.76 33.08 24.54
C ASN A 399 10.26 31.74 24.00
N ALA A 400 10.65 30.64 24.64
CA ALA A 400 10.17 29.30 24.31
C ALA A 400 8.67 29.16 24.45
N ILE A 401 8.14 29.61 25.57
CA ILE A 401 6.70 29.65 25.81
C ILE A 401 5.92 30.45 24.74
N ARG A 402 6.44 31.64 24.47
CA ARG A 402 5.89 32.49 23.43
C ARG A 402 5.91 31.75 22.11
N SER A 403 7.08 31.19 21.78
CA SER A 403 7.26 30.49 20.51
C SER A 403 6.26 29.35 20.41
N LEU A 404 6.07 28.61 21.49
CA LEU A 404 5.14 27.45 21.48
C LEU A 404 3.68 27.91 21.41
N GLU A 405 3.35 28.96 22.14
CA GLU A 405 2.02 29.62 22.04
C GLU A 405 1.65 29.96 20.60
N ALA A 406 2.58 30.55 19.87
CA ALA A 406 2.43 30.81 18.45
C ALA A 406 2.16 29.49 17.67
N VAL A 407 2.82 28.39 18.04
CA VAL A 407 2.56 27.08 17.36
C VAL A 407 1.17 26.58 17.63
N ILE A 408 0.80 26.62 18.91
CA ILE A 408 -0.52 26.17 19.36
C ILE A 408 -1.65 26.94 18.66
N ARG A 409 -1.53 28.27 18.71
CA ARG A 409 -2.46 29.21 18.06
C ARG A 409 -2.65 28.85 16.58
N VAL A 410 -1.55 28.74 15.84
CA VAL A 410 -1.64 28.30 14.43
C VAL A 410 -2.27 26.91 14.28
N HIS A 411 -1.80 25.94 15.06
CA HIS A 411 -2.14 24.53 14.78
C HIS A 411 -3.44 24.03 15.42
N SER A 412 -4.07 24.88 16.25
CA SER A 412 -5.42 24.62 16.74
C SER A 412 -6.40 24.37 15.60
N LYS A 413 -6.14 24.95 14.46
CA LYS A 413 -7.07 24.85 13.33
C LYS A 413 -7.10 23.39 12.83
N TYR A 414 -5.99 22.66 13.06
CA TYR A 414 -5.78 21.34 12.42
C TYR A 414 -5.71 20.19 13.38
N TRP A 415 -5.29 20.43 14.62
CA TRP A 415 -5.06 19.32 15.55
C TRP A 415 -5.91 19.46 16.82
N GLY A 416 -6.59 18.37 17.22
CA GLY A 416 -7.44 18.36 18.40
C GLY A 416 -6.61 18.61 19.65
N CYS A 417 -5.49 17.91 19.78
CA CYS A 417 -4.63 18.13 20.93
C CYS A 417 -4.18 19.60 21.09
N MET A 418 -4.31 20.39 20.02
CA MET A 418 -3.91 21.79 20.03
C MET A 418 -5.12 22.70 20.28
N GLN A 419 -6.30 22.09 20.35
CA GLN A 419 -7.52 22.89 20.50
C GLN A 419 -7.85 23.11 21.96
N ARG A 420 -7.37 24.26 22.42
CA ARG A 420 -7.88 25.15 23.51
C ARG A 420 -7.21 25.13 24.89
N LEU B 36 -1.94 -8.71 -8.22
CA LEU B 36 -1.83 -7.25 -7.95
C LEU B 36 -2.71 -6.84 -6.75
N PRO B 37 -2.38 -5.70 -6.07
CA PRO B 37 -3.17 -5.33 -4.88
C PRO B 37 -4.47 -4.59 -5.24
N PHE B 38 -5.58 -4.99 -4.63
CA PHE B 38 -6.88 -4.33 -4.81
C PHE B 38 -6.97 -2.81 -4.44
N THR B 39 -6.16 -1.95 -5.11
CA THR B 39 -6.30 -0.49 -5.02
C THR B 39 -6.54 0.05 -6.41
N THR B 40 -6.34 1.36 -6.53
CA THR B 40 -6.39 2.04 -7.79
C THR B 40 -5.11 1.84 -8.56
N GLY B 41 -5.28 1.62 -9.86
CA GLY B 41 -4.14 1.45 -10.76
C GLY B 41 -3.92 2.80 -11.41
N LEU B 42 -2.68 3.13 -11.70
CA LEU B 42 -2.39 4.27 -12.55
C LEU B 42 -1.63 3.69 -13.70
N ILE B 43 -1.76 4.28 -14.87
CA ILE B 43 -0.97 3.85 -16.01
C ILE B 43 -0.16 5.04 -16.44
N TYR B 44 1.13 4.86 -16.67
CA TYR B 44 1.93 5.93 -17.27
C TYR B 44 3.17 5.33 -17.89
N ASP B 45 3.60 5.87 -19.01
CA ASP B 45 4.86 5.46 -19.59
C ASP B 45 5.44 6.56 -20.48
N SER B 46 6.76 6.78 -20.35
CA SER B 46 7.53 7.71 -21.20
C SER B 46 7.35 7.56 -22.72
N VAL B 47 7.10 6.34 -23.21
CA VAL B 47 6.93 6.12 -24.66
C VAL B 47 5.86 7.08 -25.18
N MET B 48 4.90 7.45 -24.32
CA MET B 48 3.83 8.35 -24.75
C MET B 48 4.28 9.79 -24.86
N LEU B 49 5.45 10.12 -24.30
CA LEU B 49 5.93 11.51 -24.43
C LEU B 49 6.47 11.88 -25.83
N LYS B 50 6.89 10.89 -26.59
CA LYS B 50 7.60 11.11 -27.85
C LYS B 50 6.74 11.61 -28.99
N HIS B 51 5.44 11.45 -28.82
CA HIS B 51 4.47 12.04 -29.75
C HIS B 51 4.56 13.57 -29.70
N GLN B 52 5.33 14.13 -30.64
CA GLN B 52 5.54 15.56 -30.73
C GLN B 52 5.91 15.86 -32.17
N CYS B 53 5.41 16.99 -32.63
CA CYS B 53 5.78 17.60 -33.87
C CYS B 53 7.29 17.80 -33.99
N SER B 54 7.78 17.64 -35.23
CA SER B 54 9.19 17.83 -35.54
C SER B 54 9.55 19.30 -35.50
N CYS B 55 8.52 20.17 -35.50
CA CYS B 55 8.77 21.62 -35.44
C CYS B 55 9.19 22.06 -34.05
N GLY B 56 9.18 21.13 -33.09
CA GLY B 56 9.57 21.35 -31.68
C GLY B 56 8.65 22.14 -30.73
N ASP B 57 7.72 22.90 -31.32
CA ASP B 57 7.04 24.04 -30.67
C ASP B 57 5.70 23.74 -29.96
N ASN B 58 5.71 23.76 -28.62
CA ASN B 58 4.55 23.39 -27.80
C ASN B 58 3.46 24.45 -27.62
N SER B 59 3.76 25.69 -27.97
CA SER B 59 2.78 26.75 -27.90
C SER B 59 2.07 26.87 -29.26
N ARG B 60 2.30 25.89 -30.12
CA ARG B 60 1.57 25.82 -31.37
C ARG B 60 0.76 24.53 -31.34
N HIS B 61 1.26 23.56 -30.56
CA HIS B 61 0.70 22.23 -30.45
C HIS B 61 0.36 21.90 -28.99
N PRO B 62 -0.82 22.35 -28.52
CA PRO B 62 -1.28 22.33 -27.11
C PRO B 62 -1.45 20.92 -26.57
N GLU B 63 -1.68 19.95 -27.46
CA GLU B 63 -1.65 18.59 -27.04
C GLU B 63 -0.19 18.12 -26.98
N HIS B 64 0.50 18.58 -25.93
CA HIS B 64 1.93 18.33 -25.77
C HIS B 64 2.26 17.36 -24.67
N ALA B 65 3.53 16.98 -24.60
CA ALA B 65 3.98 15.89 -23.73
C ALA B 65 3.97 16.33 -22.28
N GLY B 66 4.04 17.64 -22.09
CA GLY B 66 3.96 18.19 -20.74
C GLY B 66 2.62 17.92 -20.03
N ARG B 67 1.57 17.69 -20.81
CA ARG B 67 0.24 17.30 -20.27
C ARG B 67 0.33 16.14 -19.29
N ILE B 68 0.97 15.05 -19.71
CA ILE B 68 1.03 13.87 -18.89
C ILE B 68 2.20 13.84 -17.91
N GLN B 69 3.35 14.43 -18.30
CA GLN B 69 4.48 14.52 -17.35
C GLN B 69 4.06 15.37 -16.16
N SER B 70 3.40 16.50 -16.36
CA SER B 70 2.98 17.27 -15.20
C SER B 70 1.95 16.58 -14.30
N ILE B 71 1.04 15.77 -14.87
CA ILE B 71 0.08 15.05 -14.04
C ILE B 71 0.83 14.02 -13.20
N TRP B 72 1.68 13.25 -13.86
CA TRP B 72 2.41 12.17 -13.22
C TRP B 72 3.31 12.62 -12.04
N SER B 73 3.97 13.76 -12.21
CA SER B 73 4.89 14.25 -11.20
C SER B 73 4.03 14.79 -10.04
N ARG B 74 3.04 15.62 -10.37
CA ARG B 74 2.07 16.15 -9.42
C ARG B 74 1.42 15.10 -8.54
N LEU B 75 1.27 13.89 -9.05
CA LEU B 75 0.65 12.83 -8.27
C LEU B 75 1.64 12.35 -7.23
N GLN B 76 2.95 12.40 -7.52
CA GLN B 76 3.96 12.02 -6.52
C GLN B 76 4.25 13.12 -5.50
N GLU B 77 4.18 14.38 -5.94
CA GLU B 77 4.39 15.51 -5.05
C GLU B 77 3.32 15.58 -3.95
N ARG B 78 2.10 15.19 -4.31
CA ARG B 78 0.96 15.27 -3.43
C ARG B 78 0.70 13.99 -2.68
N GLY B 79 1.61 13.03 -2.84
CA GLY B 79 1.59 11.74 -2.13
C GLY B 79 0.74 10.62 -2.74
N LEU B 80 0.07 10.93 -3.85
CA LEU B 80 -0.95 10.02 -4.42
C LEU B 80 -0.40 8.83 -5.17
N ARG B 81 0.52 9.06 -6.10
CA ARG B 81 1.12 7.95 -6.88
C ARG B 81 1.47 6.70 -6.09
N SER B 82 2.11 6.85 -4.93
CA SER B 82 2.61 5.70 -4.16
C SER B 82 1.51 4.81 -3.60
N GLN B 83 0.33 5.38 -3.46
CA GLN B 83 -0.79 4.65 -2.87
C GLN B 83 -1.39 3.76 -3.94
N CYS B 84 -1.04 4.04 -5.19
CA CYS B 84 -1.59 3.32 -6.32
C CYS B 84 -0.67 2.23 -6.80
N GLU B 85 -1.26 1.31 -7.56
CA GLU B 85 -0.48 0.34 -8.27
C GLU B 85 -0.13 1.00 -9.61
N CYS B 86 1.15 1.34 -9.76
CA CYS B 86 1.62 2.10 -10.90
C CYS B 86 2.00 1.15 -12.02
N LEU B 87 1.37 1.29 -13.18
CA LEU B 87 1.61 0.37 -14.28
C LEU B 87 2.10 1.17 -15.49
N ARG B 88 2.78 0.49 -16.41
CA ARG B 88 3.39 1.16 -17.57
C ARG B 88 2.51 1.02 -18.78
N GLY B 89 1.78 -0.08 -18.85
CA GLY B 89 0.82 -0.31 -19.93
C GLY B 89 1.43 -1.15 -21.01
N ARG B 90 0.88 -1.10 -22.21
CA ARG B 90 1.42 -1.90 -23.34
C ARG B 90 0.90 -1.41 -24.67
N LYS B 91 1.51 -1.86 -25.77
CA LYS B 91 1.03 -1.54 -27.11
C LYS B 91 -0.33 -2.23 -27.42
N ALA B 92 -1.30 -1.53 -28.03
CA ALA B 92 -2.48 -2.23 -28.62
C ALA B 92 -2.00 -3.08 -29.78
N SER B 93 -2.49 -4.31 -29.84
CA SER B 93 -2.22 -5.18 -31.00
C SER B 93 -2.99 -4.65 -32.19
N LEU B 94 -2.61 -5.08 -33.40
CA LEU B 94 -3.30 -4.58 -34.60
C LEU B 94 -4.78 -5.06 -34.63
N GLU B 95 -5.00 -6.27 -34.17
CA GLU B 95 -6.32 -6.85 -33.94
C GLU B 95 -7.20 -6.06 -32.93
N GLU B 96 -6.60 -5.59 -31.83
CA GLU B 96 -7.37 -4.75 -30.88
C GLU B 96 -7.82 -3.44 -31.55
N LEU B 97 -6.88 -2.77 -32.24
CA LEU B 97 -7.20 -1.59 -33.06
C LEU B 97 -8.31 -1.82 -34.07
N GLN B 98 -8.24 -2.94 -34.84
CA GLN B 98 -9.31 -3.31 -35.81
C GLN B 98 -10.67 -3.68 -35.24
N SER B 99 -10.75 -3.87 -33.93
CA SER B 99 -12.07 -4.07 -33.31
C SER B 99 -12.89 -2.79 -33.45
N VAL B 100 -12.23 -1.68 -33.66
CA VAL B 100 -12.94 -0.42 -33.74
C VAL B 100 -12.65 0.29 -35.06
N HIS B 101 -11.46 0.10 -35.61
CA HIS B 101 -11.02 0.97 -36.72
C HIS B 101 -10.91 0.16 -38.02
N SER B 102 -11.12 0.78 -39.17
CA SER B 102 -11.00 0.03 -40.43
C SER B 102 -9.55 -0.50 -40.63
N GLU B 103 -9.45 -1.60 -41.40
CA GLU B 103 -8.15 -2.16 -41.80
C GLU B 103 -7.22 -1.11 -42.36
N ARG B 104 -7.75 -0.24 -43.23
CA ARG B 104 -7.00 0.84 -43.80
C ARG B 104 -6.51 1.87 -42.76
N HIS B 105 -7.40 2.30 -41.85
CA HIS B 105 -7.01 3.17 -40.70
C HIS B 105 -5.87 2.57 -39.90
N VAL B 106 -6.04 1.32 -39.50
CA VAL B 106 -5.01 0.62 -38.78
C VAL B 106 -3.65 0.48 -39.56
N LEU B 107 -3.69 0.25 -40.88
CA LEU B 107 -2.46 0.27 -41.67
C LEU B 107 -1.79 1.65 -41.62
N LEU B 108 -2.54 2.71 -41.93
CA LEU B 108 -2.01 4.04 -41.92
C LEU B 108 -1.32 4.44 -40.59
N TYR B 109 -1.96 4.20 -39.44
CA TYR B 109 -1.51 4.77 -38.15
C TYR B 109 -0.94 3.74 -37.15
N GLY B 110 -1.12 2.47 -37.46
CA GLY B 110 -0.69 1.41 -36.57
C GLY B 110 0.54 0.67 -37.05
N THR B 111 0.99 0.91 -38.28
CA THR B 111 2.10 0.11 -38.85
C THR B 111 3.26 0.94 -39.37
N ASN B 112 4.45 0.35 -39.27
CA ASN B 112 5.69 0.90 -39.83
C ASN B 112 5.57 0.95 -41.38
N PRO B 113 5.90 2.12 -41.98
CA PRO B 113 5.57 2.19 -43.40
C PRO B 113 6.48 1.25 -44.23
N LEU B 114 7.52 0.73 -43.61
CA LEU B 114 8.44 -0.15 -44.29
C LEU B 114 8.01 -1.61 -44.24
N SER B 115 7.35 -2.03 -43.16
CA SER B 115 6.90 -3.43 -43.02
C SER B 115 5.58 -3.68 -43.76
N VAL B 134 -0.21 15.52 -44.81
CA VAL B 134 -0.42 16.95 -44.86
C VAL B 134 0.82 17.68 -44.41
N MET B 135 1.23 18.66 -45.22
CA MET B 135 2.24 19.63 -44.84
C MET B 135 1.59 20.69 -43.94
N LEU B 136 2.21 21.00 -42.80
CA LEU B 136 1.63 21.95 -41.85
C LEU B 136 2.29 23.30 -41.97
N PRO B 137 1.51 24.41 -41.79
CA PRO B 137 2.06 25.78 -41.74
C PRO B 137 3.45 25.89 -41.08
N CYS B 138 3.73 24.99 -40.13
CA CYS B 138 4.97 25.00 -39.35
C CYS B 138 5.98 24.05 -39.97
N GLY B 139 5.52 23.33 -40.98
CA GLY B 139 6.37 22.46 -41.76
C GLY B 139 6.44 21.02 -41.33
N GLY B 140 5.97 20.71 -40.12
CA GLY B 140 5.81 19.32 -39.72
C GLY B 140 4.78 18.60 -40.58
N VAL B 141 4.70 17.29 -40.39
CA VAL B 141 3.70 16.46 -41.05
C VAL B 141 2.51 16.29 -40.09
N GLY B 142 1.30 16.20 -40.61
CA GLY B 142 0.12 16.04 -39.73
C GLY B 142 -1.02 15.37 -40.46
N VAL B 143 -2.06 14.97 -39.73
CA VAL B 143 -3.22 14.40 -40.37
C VAL B 143 -4.08 15.55 -40.86
N ASP B 144 -4.17 16.59 -40.04
CA ASP B 144 -4.72 17.88 -40.40
C ASP B 144 -3.88 18.89 -39.66
N THR B 145 -4.39 20.11 -39.46
CA THR B 145 -3.57 21.23 -38.97
C THR B 145 -3.31 21.22 -37.48
N ASP B 146 -4.19 20.52 -36.76
CA ASP B 146 -4.12 20.35 -35.30
C ASP B 146 -3.51 19.00 -34.98
N THR B 147 -3.83 18.02 -35.81
CA THR B 147 -3.51 16.67 -35.44
C THR B 147 -2.17 16.32 -36.09
N ILE B 148 -1.12 16.28 -35.27
CA ILE B 148 0.26 16.10 -35.78
C ILE B 148 0.63 14.65 -35.88
N TRP B 149 1.61 14.37 -36.74
CA TRP B 149 2.12 13.06 -36.91
C TRP B 149 3.64 13.12 -36.80
N ASN B 150 4.16 12.38 -35.84
CA ASN B 150 5.57 12.25 -35.72
C ASN B 150 5.86 10.94 -36.37
N GLU B 151 6.54 11.07 -37.51
CA GLU B 151 6.76 9.95 -38.40
C GLU B 151 7.54 8.85 -37.76
N LEU B 152 8.28 9.13 -36.68
CA LEU B 152 8.93 8.02 -35.95
C LEU B 152 8.15 7.52 -34.71
N HIS B 153 7.45 8.42 -34.02
CA HIS B 153 6.94 8.09 -32.69
C HIS B 153 5.42 8.02 -32.48
N SER B 154 4.64 8.68 -33.34
CA SER B 154 3.26 8.93 -33.03
C SER B 154 2.47 7.61 -33.00
N SER B 155 2.69 6.79 -34.01
CA SER B 155 2.04 5.50 -34.03
C SER B 155 2.28 4.64 -32.75
N ASN B 156 3.52 4.61 -32.29
CA ASN B 156 3.84 3.85 -31.08
C ASN B 156 3.15 4.44 -29.84
N ALA B 157 3.14 5.77 -29.75
CA ALA B 157 2.45 6.47 -28.67
C ALA B 157 0.91 6.21 -28.68
N ALA B 158 0.25 6.38 -29.84
CA ALA B 158 -1.16 6.06 -29.99
C ALA B 158 -1.53 4.60 -29.63
N ARG B 159 -0.75 3.64 -30.10
CA ARG B 159 -1.00 2.25 -29.76
C ARG B 159 -0.77 1.97 -28.30
N TRP B 160 0.19 2.68 -27.72
CA TRP B 160 0.44 2.53 -26.30
C TRP B 160 -0.73 3.05 -25.44
N ALA B 161 -1.26 4.21 -25.78
CA ALA B 161 -2.39 4.79 -25.05
C ALA B 161 -3.53 3.77 -25.09
N ALA B 162 -3.78 3.24 -26.29
CA ALA B 162 -4.87 2.31 -26.54
C ALA B 162 -4.71 1.03 -25.78
N GLY B 163 -3.54 0.41 -25.88
CA GLY B 163 -3.27 -0.85 -25.19
C GLY B 163 -3.28 -0.70 -23.68
N SER B 164 -2.88 0.48 -23.19
CA SER B 164 -2.87 0.75 -21.74
C SER B 164 -4.23 0.96 -21.12
N VAL B 165 -5.09 1.76 -21.77
CA VAL B 165 -6.51 1.87 -21.36
C VAL B 165 -7.17 0.47 -21.33
N THR B 166 -6.87 -0.35 -22.35
CA THR B 166 -7.39 -1.71 -22.47
C THR B 166 -6.89 -2.57 -21.33
N ASP B 167 -5.58 -2.54 -21.13
CA ASP B 167 -4.95 -3.33 -20.06
C ASP B 167 -5.51 -2.99 -18.65
N LEU B 168 -5.55 -1.70 -18.37
CA LEU B 168 -6.12 -1.22 -17.12
C LEU B 168 -7.60 -1.65 -16.98
N ALA B 169 -8.40 -1.44 -18.03
CA ALA B 169 -9.82 -1.90 -18.04
C ALA B 169 -9.98 -3.37 -17.65
N PHE B 170 -9.17 -4.25 -18.24
CA PHE B 170 -9.16 -5.68 -17.95
C PHE B 170 -8.75 -6.01 -16.51
N LYS B 171 -7.80 -5.26 -15.94
CA LYS B 171 -7.38 -5.55 -14.55
C LYS B 171 -8.46 -5.12 -13.55
N VAL B 172 -9.22 -4.07 -13.89
CA VAL B 172 -10.37 -3.61 -13.09
C VAL B 172 -11.59 -4.50 -13.24
N ALA B 173 -11.90 -4.89 -14.48
CA ALA B 173 -13.06 -5.72 -14.77
C ALA B 173 -12.95 -7.09 -14.08
N SER B 174 -11.74 -7.62 -13.99
CA SER B 174 -11.45 -8.83 -13.22
C SER B 174 -11.47 -8.62 -11.68
N ARG B 175 -11.56 -7.37 -11.23
CA ARG B 175 -11.48 -6.98 -9.80
C ARG B 175 -10.13 -7.32 -9.17
N GLU B 176 -9.10 -7.54 -9.99
CA GLU B 176 -7.70 -7.55 -9.54
C GLU B 176 -7.37 -6.16 -8.98
N LEU B 177 -7.69 -5.16 -9.78
CA LEU B 177 -7.70 -3.79 -9.34
C LEU B 177 -9.12 -3.33 -9.05
N LYS B 178 -9.23 -2.37 -8.13
CA LYS B 178 -10.48 -1.81 -7.71
C LYS B 178 -11.01 -0.83 -8.76
N ASN B 179 -10.12 0.05 -9.23
CA ASN B 179 -10.48 1.11 -10.13
C ASN B 179 -9.16 1.62 -10.73
N GLY B 180 -9.16 2.60 -11.61
CA GLY B 180 -7.88 3.00 -12.20
C GLY B 180 -8.04 4.35 -12.88
N PHE B 181 -6.93 5.02 -13.19
CA PHE B 181 -6.88 6.28 -13.95
C PHE B 181 -5.67 6.11 -14.91
N ALA B 182 -5.86 6.29 -16.20
CA ALA B 182 -4.76 6.16 -17.16
C ALA B 182 -4.33 7.55 -17.66
N VAL B 183 -3.06 7.88 -17.40
CA VAL B 183 -2.48 9.17 -17.73
C VAL B 183 -1.87 9.00 -19.11
N VAL B 184 -2.72 9.08 -20.15
CA VAL B 184 -2.36 8.70 -21.52
C VAL B 184 -2.50 9.87 -22.47
N ARG B 185 -1.70 9.81 -23.54
CA ARG B 185 -1.82 10.71 -24.67
C ARG B 185 -1.21 9.97 -25.84
N PRO B 186 -1.62 10.29 -27.08
CA PRO B 186 -2.62 11.27 -27.38
C PRO B 186 -4.02 10.71 -26.96
N PRO B 187 -5.01 11.58 -26.91
CA PRO B 187 -6.36 11.23 -26.52
C PRO B 187 -7.00 10.35 -27.60
N GLY B 188 -8.25 9.92 -27.39
CA GLY B 188 -8.86 8.95 -28.27
C GLY B 188 -10.23 9.26 -28.80
N HIS B 189 -11.03 10.09 -28.10
CA HIS B 189 -12.48 10.10 -28.30
C HIS B 189 -13.04 10.70 -29.58
N HIS B 190 -12.26 11.55 -30.25
CA HIS B 190 -12.67 11.98 -31.56
C HIS B 190 -12.30 11.01 -32.71
N ALA B 191 -11.52 9.97 -32.46
CA ALA B 191 -11.08 9.06 -33.53
C ALA B 191 -12.24 8.13 -33.87
N ASP B 192 -12.76 8.21 -35.09
CA ASP B 192 -13.87 7.38 -35.47
C ASP B 192 -13.37 6.19 -36.32
N HIS B 193 -14.27 5.38 -36.87
CA HIS B 193 -13.87 4.10 -37.54
C HIS B 193 -12.75 4.33 -38.56
N SER B 194 -12.86 5.37 -39.38
CA SER B 194 -11.78 5.63 -40.36
C SER B 194 -11.31 7.09 -40.39
N THR B 195 -11.31 7.78 -39.26
CA THR B 195 -10.88 9.19 -39.27
C THR B 195 -10.05 9.49 -38.06
N ALA B 196 -8.87 10.08 -38.27
CA ALA B 196 -8.07 10.64 -37.19
C ALA B 196 -8.38 12.11 -37.20
N MET B 197 -8.56 12.73 -36.03
CA MET B 197 -8.99 14.15 -35.97
C MET B 197 -9.00 14.62 -34.55
N GLY B 198 -8.94 15.94 -34.34
CA GLY B 198 -9.01 16.49 -32.98
C GLY B 198 -8.01 15.90 -32.02
N PHE B 199 -6.76 15.73 -32.50
CA PHE B 199 -5.62 15.21 -31.75
C PHE B 199 -5.64 13.69 -31.46
N CYS B 200 -6.68 12.99 -31.89
CA CYS B 200 -6.85 11.56 -31.67
C CYS B 200 -6.53 10.73 -32.91
N PHE B 201 -5.95 9.55 -32.72
CA PHE B 201 -5.69 8.60 -33.83
C PHE B 201 -6.46 7.32 -33.65
N PHE B 202 -6.41 6.75 -32.44
CA PHE B 202 -7.23 5.56 -32.10
C PHE B 202 -8.13 5.89 -30.89
N ASN B 203 -9.34 5.35 -30.87
CA ASN B 203 -10.20 5.52 -29.74
C ASN B 203 -9.93 4.55 -28.64
N SER B 204 -8.99 4.88 -27.77
CA SER B 204 -8.53 4.04 -26.71
C SER B 204 -9.67 3.47 -25.83
N VAL B 205 -10.60 4.36 -25.44
CA VAL B 205 -11.76 3.99 -24.59
C VAL B 205 -12.70 3.05 -25.34
N ALA B 206 -12.94 3.30 -26.65
CA ALA B 206 -13.79 2.41 -27.48
C ALA B 206 -13.15 1.04 -27.60
N ILE B 207 -11.85 1.04 -27.81
CA ILE B 207 -11.12 -0.19 -27.99
C ILE B 207 -11.12 -1.01 -26.72
N ALA B 208 -10.99 -0.38 -25.57
CA ALA B 208 -11.03 -1.08 -24.28
C ALA B 208 -12.43 -1.66 -24.06
N CYS B 209 -13.46 -0.91 -24.41
CA CYS B 209 -14.82 -1.38 -24.31
C CYS B 209 -15.10 -2.61 -25.17
N ARG B 210 -14.86 -2.51 -26.47
CA ARG B 210 -14.97 -3.63 -27.44
C ARG B 210 -14.21 -4.86 -26.98
N GLN B 211 -12.97 -4.70 -26.53
CA GLN B 211 -12.18 -5.85 -26.04
C GLN B 211 -12.74 -6.50 -24.77
N LEU B 212 -13.24 -5.67 -23.87
CA LEU B 212 -13.89 -6.19 -22.69
C LEU B 212 -15.12 -7.03 -23.09
N GLN B 213 -15.86 -6.55 -24.10
CA GLN B 213 -17.01 -7.28 -24.65
C GLN B 213 -16.65 -8.61 -25.36
N GLN B 214 -15.66 -8.62 -26.24
CA GLN B 214 -15.26 -9.82 -26.95
C GLN B 214 -14.70 -10.89 -26.04
N GLN B 215 -14.04 -10.46 -24.97
CA GLN B 215 -13.46 -11.38 -24.05
C GLN B 215 -14.46 -11.78 -22.99
N SER B 216 -15.71 -11.38 -23.17
CA SER B 216 -16.77 -11.74 -22.22
C SER B 216 -16.38 -11.35 -20.80
N LYS B 217 -15.70 -10.21 -20.66
CA LYS B 217 -15.24 -9.74 -19.34
C LYS B 217 -16.16 -8.72 -18.63
N ALA B 218 -16.99 -8.04 -19.40
CA ALA B 218 -18.02 -7.16 -18.85
C ALA B 218 -19.06 -7.15 -19.91
N SER B 219 -20.31 -7.33 -19.52
CA SER B 219 -21.36 -7.53 -20.50
C SER B 219 -22.02 -6.17 -20.87
N LYS B 220 -22.42 -5.41 -19.84
CA LYS B 220 -22.96 -4.06 -19.96
C LYS B 220 -21.94 -2.96 -19.58
N ILE B 221 -21.66 -2.05 -20.52
CA ILE B 221 -20.63 -1.03 -20.26
C ILE B 221 -21.22 0.37 -20.36
N LEU B 222 -20.92 1.19 -19.35
CA LEU B 222 -21.28 2.63 -19.40
C LEU B 222 -20.02 3.39 -19.74
N ILE B 223 -20.09 4.31 -20.70
CA ILE B 223 -18.97 5.20 -20.97
C ILE B 223 -19.47 6.61 -20.67
N VAL B 224 -18.78 7.30 -19.75
CA VAL B 224 -19.14 8.69 -19.47
C VAL B 224 -18.08 9.58 -20.06
N ASP B 225 -18.47 10.56 -20.84
CA ASP B 225 -17.45 11.37 -21.46
C ASP B 225 -17.63 12.83 -21.01
N TRP B 226 -16.86 13.27 -20.01
CA TRP B 226 -17.04 14.62 -19.44
C TRP B 226 -16.05 15.68 -19.99
N ASP B 227 -15.37 15.31 -21.07
CA ASP B 227 -14.48 16.22 -21.78
C ASP B 227 -15.45 17.21 -22.39
N VAL B 228 -15.02 18.46 -22.48
CA VAL B 228 -15.90 19.54 -22.95
C VAL B 228 -16.36 19.33 -24.37
N HIS B 229 -15.62 18.52 -25.14
CA HIS B 229 -16.04 18.26 -26.52
C HIS B 229 -16.79 16.91 -26.56
N HIS B 230 -17.70 16.79 -27.52
CA HIS B 230 -18.42 15.58 -27.77
C HIS B 230 -17.41 14.52 -28.33
N GLY B 231 -17.42 13.31 -27.76
CA GLY B 231 -16.69 12.14 -28.31
C GLY B 231 -17.40 11.57 -29.54
N ASN B 232 -17.27 12.24 -30.68
CA ASN B 232 -17.98 11.83 -31.89
C ASN B 232 -17.63 10.39 -32.27
N GLY B 233 -16.40 9.98 -31.97
CA GLY B 233 -15.95 8.64 -32.40
C GLY B 233 -16.55 7.58 -31.50
N THR B 234 -16.57 7.84 -30.21
CA THR B 234 -17.23 6.90 -29.28
C THR B 234 -18.74 6.73 -29.64
N GLN B 235 -19.41 7.85 -29.90
CA GLN B 235 -20.82 7.84 -30.26
C GLN B 235 -21.07 6.97 -31.47
N GLN B 236 -20.25 7.18 -32.48
CA GLN B 236 -20.39 6.53 -33.76
C GLN B 236 -20.19 5.04 -33.56
N THR B 237 -19.13 4.67 -32.87
CA THR B 237 -18.81 3.28 -32.64
C THR B 237 -19.97 2.48 -32.03
N PHE B 238 -20.62 3.04 -31.02
CA PHE B 238 -21.55 2.25 -30.21
C PHE B 238 -23.01 2.61 -30.49
N TYR B 239 -23.24 3.40 -31.54
CA TYR B 239 -24.57 3.91 -31.90
C TYR B 239 -25.75 2.91 -31.95
N GLN B 240 -25.47 1.73 -32.48
CA GLN B 240 -26.45 0.66 -32.73
C GLN B 240 -26.45 -0.41 -31.60
N ASP B 241 -25.61 -0.24 -30.60
CA ASP B 241 -25.35 -1.31 -29.63
C ASP B 241 -25.98 -1.07 -28.23
N PRO B 242 -27.04 -1.83 -27.82
CA PRO B 242 -27.72 -1.54 -26.55
C PRO B 242 -26.90 -2.05 -25.31
N SER B 243 -25.85 -2.84 -25.54
CA SER B 243 -25.02 -3.30 -24.43
C SER B 243 -24.00 -2.20 -23.97
N VAL B 244 -24.00 -1.05 -24.64
CA VAL B 244 -23.09 0.08 -24.32
C VAL B 244 -23.92 1.32 -24.17
N LEU B 245 -23.83 2.01 -23.02
CA LEU B 245 -24.52 3.25 -22.81
C LEU B 245 -23.45 4.30 -22.85
N TYR B 246 -23.60 5.24 -23.76
CA TYR B 246 -22.70 6.37 -23.89
C TYR B 246 -23.42 7.64 -23.47
N ILE B 247 -22.88 8.31 -22.46
CA ILE B 247 -23.43 9.59 -22.05
C ILE B 247 -22.29 10.62 -22.14
N SER B 248 -22.46 11.63 -22.97
CA SER B 248 -21.53 12.69 -23.07
C SER B 248 -22.13 13.97 -22.47
N LEU B 249 -21.30 14.68 -21.73
CA LEU B 249 -21.60 16.08 -21.41
C LEU B 249 -20.61 16.90 -22.20
N HIS B 250 -21.14 17.82 -23.02
CA HIS B 250 -20.24 18.71 -23.77
C HIS B 250 -20.86 20.04 -24.05
N ARG B 251 -19.99 21.05 -24.14
CA ARG B 251 -20.34 22.31 -24.82
C ARG B 251 -20.75 22.06 -26.27
N HIS B 252 -21.96 22.45 -26.65
CA HIS B 252 -22.45 22.15 -27.97
C HIS B 252 -22.81 23.42 -28.69
N ASP B 253 -23.25 24.41 -27.89
CA ASP B 253 -23.76 25.70 -28.39
C ASP B 253 -24.29 25.61 -29.80
N ASP B 254 -25.27 24.72 -29.97
CA ASP B 254 -26.07 24.58 -31.20
C ASP B 254 -25.36 24.10 -32.48
N GLY B 255 -24.24 23.41 -32.29
CA GLY B 255 -23.55 22.78 -33.41
C GLY B 255 -22.37 23.59 -33.89
N ASN B 256 -21.82 24.42 -32.97
CA ASN B 256 -20.89 25.52 -33.26
C ASN B 256 -19.65 25.51 -32.37
N PHE B 257 -19.44 24.38 -31.72
CA PHE B 257 -18.24 24.17 -30.94
C PHE B 257 -17.65 22.87 -31.46
N PHE B 258 -16.35 22.68 -31.32
CA PHE B 258 -15.72 21.49 -31.86
C PHE B 258 -16.19 20.23 -31.10
N PRO B 259 -16.48 19.12 -31.84
CA PRO B 259 -16.44 18.93 -33.30
C PRO B 259 -17.71 19.20 -34.08
N GLY B 260 -18.73 19.74 -33.43
CA GLY B 260 -19.99 20.01 -34.13
C GLY B 260 -21.07 18.93 -34.11
N SER B 261 -20.75 17.76 -33.55
CA SER B 261 -21.66 16.60 -33.45
C SER B 261 -22.26 16.48 -32.03
N GLY B 262 -23.21 15.57 -31.85
CA GLY B 262 -23.65 15.26 -30.48
C GLY B 262 -24.77 16.14 -29.96
N ALA B 263 -25.75 16.33 -30.83
CA ALA B 263 -27.00 17.00 -30.51
C ALA B 263 -27.91 16.08 -29.69
N VAL B 264 -28.73 16.69 -28.82
CA VAL B 264 -29.66 15.97 -27.98
C VAL B 264 -30.44 14.90 -28.71
N ASP B 265 -30.83 15.19 -29.95
CA ASP B 265 -31.67 14.33 -30.74
C ASP B 265 -30.98 13.02 -31.10
N GLU B 266 -29.65 12.98 -30.94
CA GLU B 266 -28.90 11.82 -31.34
C GLU B 266 -28.93 10.78 -30.22
N VAL B 267 -29.87 9.85 -30.36
CA VAL B 267 -30.19 8.85 -29.31
C VAL B 267 -29.66 7.43 -29.56
N GLY B 268 -29.06 7.17 -30.71
CA GLY B 268 -28.70 5.79 -31.02
C GLY B 268 -29.69 5.33 -32.08
N ALA B 269 -29.43 4.15 -32.67
CA ALA B 269 -30.28 3.59 -33.73
C ALA B 269 -30.33 2.10 -33.63
N GLY B 270 -31.30 1.52 -34.32
CA GLY B 270 -31.51 0.08 -34.32
C GLY B 270 -31.87 -0.30 -32.89
N SER B 271 -31.28 -1.41 -32.44
CA SER B 271 -31.39 -1.82 -31.06
C SER B 271 -30.75 -0.88 -30.06
N GLY B 272 -29.92 0.06 -30.54
CA GLY B 272 -29.17 1.00 -29.67
C GLY B 272 -29.90 2.29 -29.40
N GLU B 273 -31.14 2.40 -29.86
CA GLU B 273 -32.00 3.56 -29.58
C GLU B 273 -32.18 3.84 -28.10
N GLY B 274 -31.90 5.07 -27.68
CA GLY B 274 -31.97 5.43 -26.26
C GLY B 274 -30.69 5.17 -25.51
N PHE B 275 -29.77 4.46 -26.16
CA PHE B 275 -28.57 4.14 -25.42
C PHE B 275 -27.41 5.11 -25.71
N ASN B 276 -27.77 6.23 -26.31
CA ASN B 276 -26.82 7.32 -26.57
C ASN B 276 -27.39 8.58 -25.99
N VAL B 277 -26.75 9.10 -24.94
CA VAL B 277 -27.25 10.29 -24.27
C VAL B 277 -26.26 11.49 -24.37
N ASN B 278 -26.66 12.51 -25.11
CA ASN B 278 -25.88 13.74 -25.21
C ASN B 278 -26.44 14.87 -24.32
N VAL B 279 -25.77 15.14 -23.22
CA VAL B 279 -26.14 16.31 -22.48
C VAL B 279 -25.41 17.44 -23.18
N ALA B 280 -26.02 17.94 -24.23
CA ALA B 280 -25.47 18.99 -25.05
C ALA B 280 -25.82 20.39 -24.50
N TRP B 281 -24.86 21.00 -23.85
CA TRP B 281 -25.03 22.36 -23.30
C TRP B 281 -25.15 23.42 -24.38
N ALA B 282 -26.27 24.13 -24.40
CA ALA B 282 -26.50 25.24 -25.34
C ALA B 282 -26.51 26.58 -24.63
N GLY B 283 -26.42 27.66 -25.42
CA GLY B 283 -26.42 29.05 -24.92
C GLY B 283 -25.12 29.70 -24.43
N GLY B 284 -23.97 29.26 -24.94
CA GLY B 284 -22.72 30.00 -24.72
C GLY B 284 -22.20 30.06 -23.30
N LEU B 285 -21.34 31.06 -23.02
CA LEU B 285 -20.53 31.05 -21.79
C LEU B 285 -21.06 31.84 -20.58
N ASP B 286 -22.10 32.62 -20.81
CA ASP B 286 -22.65 33.49 -19.78
C ASP B 286 -24.15 33.23 -19.59
N PRO B 287 -24.57 32.89 -18.35
CA PRO B 287 -23.85 32.83 -17.07
C PRO B 287 -22.80 31.75 -17.10
N PRO B 288 -21.80 31.79 -16.19
CA PRO B 288 -20.73 30.79 -16.26
C PRO B 288 -21.27 29.37 -16.22
N MET B 289 -20.65 28.47 -17.02
CA MET B 289 -20.93 27.01 -16.95
C MET B 289 -19.97 26.37 -16.01
N GLY B 290 -20.49 25.73 -14.98
CA GLY B 290 -19.62 25.19 -13.93
C GLY B 290 -20.26 24.14 -13.05
N ASP B 291 -19.76 24.04 -11.82
CA ASP B 291 -20.16 23.00 -10.89
C ASP B 291 -21.66 22.83 -10.65
N PRO B 292 -22.39 23.89 -10.29
CA PRO B 292 -23.82 23.64 -10.23
C PRO B 292 -24.37 22.93 -11.47
N GLU B 293 -24.06 23.41 -12.68
CA GLU B 293 -24.52 22.81 -13.96
C GLU B 293 -24.15 21.31 -14.10
N TYR B 294 -22.92 20.94 -13.73
CA TYR B 294 -22.36 19.59 -13.94
C TYR B 294 -22.90 18.65 -12.85
N LEU B 295 -23.12 19.22 -11.67
CA LEU B 295 -23.70 18.49 -10.58
C LEU B 295 -25.19 18.33 -10.85
N ALA B 296 -25.84 19.30 -11.47
CA ALA B 296 -27.23 19.07 -11.77
C ALA B 296 -27.36 18.01 -12.88
N ALA B 297 -26.44 18.01 -13.83
CA ALA B 297 -26.50 17.05 -14.92
C ALA B 297 -26.29 15.65 -14.38
N PHE B 298 -25.38 15.48 -13.41
CA PHE B 298 -25.33 14.21 -12.68
C PHE B 298 -26.60 13.74 -11.91
N ARG B 299 -27.18 14.61 -11.07
CA ARG B 299 -28.38 14.28 -10.30
C ARG B 299 -29.56 13.95 -11.19
N ILE B 300 -29.76 14.71 -12.25
CA ILE B 300 -30.95 14.63 -13.08
C ILE B 300 -30.88 13.63 -14.25
N VAL B 301 -29.78 13.63 -14.98
CA VAL B 301 -29.67 12.77 -16.17
C VAL B 301 -28.73 11.59 -15.95
N VAL B 302 -27.47 11.86 -15.61
CA VAL B 302 -26.43 10.82 -15.75
C VAL B 302 -26.55 9.72 -14.73
N MET B 303 -26.78 10.10 -13.48
CA MET B 303 -26.82 9.06 -12.47
C MET B 303 -28.15 8.26 -12.55
N PRO B 304 -29.31 8.93 -12.70
CA PRO B 304 -30.56 8.17 -12.93
C PRO B 304 -30.48 7.18 -14.09
N ILE B 305 -30.12 7.64 -15.29
CA ILE B 305 -29.95 6.74 -16.44
C ILE B 305 -28.95 5.61 -16.18
N ALA B 306 -27.80 5.92 -15.57
CA ALA B 306 -26.78 4.91 -15.38
C ALA B 306 -27.27 3.82 -14.44
N ARG B 307 -28.06 4.22 -13.42
CA ARG B 307 -28.68 3.25 -12.50
C ARG B 307 -29.73 2.36 -13.15
N GLU B 308 -30.53 2.92 -14.04
CA GLU B 308 -31.54 2.14 -14.73
C GLU B 308 -30.85 1.17 -15.72
N PHE B 309 -29.76 1.61 -16.33
CA PHE B 309 -28.91 0.71 -17.12
C PHE B 309 -28.25 -0.38 -16.26
N SER B 310 -27.76 0.00 -15.09
CA SER B 310 -27.02 -0.93 -14.24
C SER B 310 -25.76 -1.59 -14.92
N PRO B 311 -24.69 -0.80 -15.20
CA PRO B 311 -23.49 -1.36 -15.88
C PRO B 311 -22.71 -2.34 -14.99
N ASP B 312 -21.99 -3.26 -15.64
CA ASP B 312 -20.96 -4.06 -15.01
C ASP B 312 -19.60 -3.34 -14.98
N LEU B 313 -19.39 -2.29 -15.78
CA LEU B 313 -18.12 -1.57 -15.75
C LEU B 313 -18.31 -0.18 -16.28
N VAL B 314 -17.57 0.80 -15.73
CA VAL B 314 -17.74 2.19 -16.15
C VAL B 314 -16.41 2.67 -16.68
N LEU B 315 -16.43 3.19 -17.90
CA LEU B 315 -15.24 3.78 -18.49
C LEU B 315 -15.51 5.27 -18.57
N VAL B 316 -14.51 6.10 -18.25
CA VAL B 316 -14.73 7.51 -18.33
C VAL B 316 -13.77 8.15 -19.36
N SER B 317 -14.28 8.85 -20.37
CA SER B 317 -13.36 9.61 -21.19
C SER B 317 -13.06 10.88 -20.35
N ALA B 318 -12.00 10.88 -19.55
CA ALA B 318 -11.82 11.98 -18.54
C ALA B 318 -10.94 13.10 -19.10
N GLY B 319 -11.55 13.93 -19.89
CA GLY B 319 -10.93 15.15 -20.33
C GLY B 319 -11.19 16.22 -19.28
N PHE B 320 -10.27 17.20 -19.19
CA PHE B 320 -10.35 18.28 -18.21
C PHE B 320 -10.34 19.69 -18.78
N ASP B 321 -10.80 19.81 -20.02
CA ASP B 321 -10.97 21.10 -20.70
C ASP B 321 -12.25 21.85 -20.39
N ALA B 322 -13.09 21.26 -19.53
CA ALA B 322 -14.23 21.98 -18.94
C ALA B 322 -13.76 22.70 -17.65
N ALA B 323 -12.55 22.37 -17.20
CA ALA B 323 -11.95 22.99 -16.04
C ALA B 323 -11.75 24.52 -16.21
N GLU B 324 -11.79 25.22 -15.07
CA GLU B 324 -11.47 26.65 -14.96
C GLU B 324 -10.01 26.79 -15.39
N GLY B 325 -9.75 27.72 -16.32
CA GLY B 325 -8.40 27.83 -16.89
C GLY B 325 -8.32 27.60 -18.39
N HIS B 326 -9.46 27.34 -19.02
CA HIS B 326 -9.52 27.16 -20.46
C HIS B 326 -10.32 28.29 -21.05
N PRO B 327 -9.62 29.25 -21.68
CA PRO B 327 -10.32 30.38 -22.26
C PRO B 327 -11.19 29.92 -23.40
N ALA B 328 -12.23 30.68 -23.72
CA ALA B 328 -12.89 30.54 -25.01
C ALA B 328 -11.87 30.61 -26.18
N PRO B 329 -11.90 29.63 -27.10
CA PRO B 329 -12.68 28.42 -27.13
C PRO B 329 -11.77 27.22 -27.01
N LEU B 330 -10.99 27.16 -25.94
CA LEU B 330 -10.37 25.90 -25.50
C LEU B 330 -11.41 25.11 -24.66
N GLY B 331 -12.55 25.76 -24.44
CA GLY B 331 -13.51 25.36 -23.40
C GLY B 331 -14.31 26.55 -22.88
N GLY B 332 -13.72 27.34 -21.99
CA GLY B 332 -14.39 28.51 -21.41
C GLY B 332 -15.49 28.14 -20.41
N TYR B 333 -15.25 27.05 -19.66
CA TYR B 333 -16.15 26.56 -18.60
C TYR B 333 -15.35 26.61 -17.32
N HIS B 334 -16.04 26.39 -16.20
CA HIS B 334 -15.56 26.84 -14.90
C HIS B 334 -15.66 25.75 -13.89
N VAL B 335 -15.54 24.51 -14.38
CA VAL B 335 -15.76 23.33 -13.54
C VAL B 335 -14.56 23.20 -12.70
N SER B 336 -14.76 23.13 -11.39
CA SER B 336 -13.65 23.04 -10.45
C SER B 336 -13.18 21.61 -10.38
N ALA B 337 -11.95 21.46 -9.87
CA ALA B 337 -11.30 20.20 -9.54
C ALA B 337 -12.07 19.31 -8.57
N LYS B 338 -12.61 19.95 -7.52
CA LYS B 338 -13.38 19.27 -6.48
C LYS B 338 -14.61 18.60 -7.09
N CYS B 339 -15.25 19.30 -8.03
CA CYS B 339 -16.33 18.72 -8.83
C CYS B 339 -15.90 17.45 -9.60
N PHE B 340 -14.94 17.55 -10.51
CA PHE B 340 -14.41 16.38 -11.19
C PHE B 340 -14.22 15.26 -10.17
N GLY B 341 -13.57 15.56 -9.05
CA GLY B 341 -13.41 14.56 -7.99
C GLY B 341 -14.71 13.93 -7.50
N TYR B 342 -15.80 14.71 -7.58
CA TYR B 342 -17.12 14.33 -7.04
C TYR B 342 -17.92 13.50 -8.03
N MET B 343 -17.91 13.91 -9.30
CA MET B 343 -18.32 13.07 -10.42
C MET B 343 -17.65 11.69 -10.38
N THR B 344 -16.34 11.62 -10.20
CA THR B 344 -15.65 10.32 -10.03
C THR B 344 -16.30 9.48 -8.92
N GLN B 345 -16.54 10.09 -7.77
CA GLN B 345 -16.90 9.33 -6.56
C GLN B 345 -18.30 8.76 -6.73
N GLN B 346 -19.12 9.54 -7.39
CA GLN B 346 -20.48 9.18 -7.67
C GLN B 346 -20.54 8.01 -8.66
N LEU B 347 -19.61 8.00 -9.63
CA LEU B 347 -19.51 6.94 -10.63
C LEU B 347 -19.05 5.66 -9.97
N MET B 348 -18.24 5.78 -8.92
CA MET B 348 -17.74 4.60 -8.22
C MET B 348 -18.78 3.79 -7.43
N ASN B 349 -19.95 4.36 -7.15
CA ASN B 349 -21.14 3.65 -6.65
C ASN B 349 -21.79 2.69 -7.63
N LEU B 350 -21.38 2.77 -8.91
CA LEU B 350 -21.92 1.91 -9.98
C LEU B 350 -21.03 0.72 -10.20
N ALA B 351 -21.56 -0.34 -10.81
CA ALA B 351 -20.73 -1.42 -11.32
C ALA B 351 -19.87 -2.05 -10.23
N GLY B 352 -20.38 -2.08 -8.99
CA GLY B 352 -19.58 -2.60 -7.90
C GLY B 352 -18.30 -1.82 -7.67
N GLY B 353 -18.21 -0.62 -8.23
CA GLY B 353 -16.98 0.18 -8.13
C GLY B 353 -15.96 -0.08 -9.21
N ALA B 354 -16.28 -0.93 -10.18
CA ALA B 354 -15.38 -1.14 -11.33
C ALA B 354 -15.38 0.08 -12.28
N VAL B 355 -14.46 1.01 -12.05
CA VAL B 355 -14.47 2.27 -12.80
C VAL B 355 -13.07 2.59 -13.35
N VAL B 356 -12.98 2.98 -14.64
CA VAL B 356 -11.68 3.35 -15.26
C VAL B 356 -11.70 4.75 -15.94
N LEU B 357 -10.86 5.67 -15.49
CA LEU B 357 -10.78 6.99 -16.13
C LEU B 357 -9.61 6.93 -17.07
N ALA B 358 -9.75 7.61 -18.20
CA ALA B 358 -8.69 7.66 -19.18
C ALA B 358 -8.67 9.10 -19.57
N LEU B 359 -7.50 9.72 -19.49
CA LEU B 359 -7.34 11.13 -19.87
C LEU B 359 -7.65 11.35 -21.31
N GLU B 360 -8.39 12.39 -21.62
CA GLU B 360 -8.64 12.77 -22.99
C GLU B 360 -7.96 14.16 -23.15
N GLY B 361 -8.74 15.22 -23.36
CA GLY B 361 -8.20 16.57 -23.55
C GLY B 361 -8.05 17.40 -22.29
N GLY B 362 -7.84 18.71 -22.45
CA GLY B 362 -7.45 19.58 -21.34
C GLY B 362 -5.97 19.89 -21.40
N HIS B 363 -5.62 21.17 -21.52
CA HIS B 363 -4.20 21.49 -21.65
C HIS B 363 -3.55 22.44 -20.61
N ASP B 364 -4.32 23.37 -20.05
CA ASP B 364 -3.87 24.17 -18.87
C ASP B 364 -3.32 23.26 -17.81
N LEU B 365 -2.03 23.39 -17.49
CA LEU B 365 -1.36 22.36 -16.71
C LEU B 365 -1.81 22.30 -15.26
N THR B 366 -2.11 23.48 -14.70
CA THR B 366 -2.50 23.50 -13.28
C THR B 366 -3.95 22.94 -13.16
N ALA B 367 -4.83 23.38 -14.05
CA ALA B 367 -6.20 22.85 -14.14
C ALA B 367 -6.29 21.33 -14.19
N ILE B 368 -5.52 20.73 -15.11
CA ILE B 368 -5.56 19.27 -15.33
C ILE B 368 -4.86 18.52 -14.24
N CYS B 369 -3.86 19.15 -13.65
CA CYS B 369 -3.13 18.55 -12.54
C CYS B 369 -4.02 18.50 -11.28
N ASP B 370 -4.66 19.64 -11.02
CA ASP B 370 -5.66 19.85 -9.94
C ASP B 370 -6.77 18.78 -10.06
N ALA B 371 -7.36 18.74 -11.26
CA ALA B 371 -8.50 17.86 -11.57
C ALA B 371 -8.08 16.41 -11.52
N SER B 372 -6.88 16.06 -12.00
CA SER B 372 -6.45 14.65 -12.05
C SER B 372 -6.18 14.19 -10.66
N GLU B 373 -5.59 15.09 -9.89
CA GLU B 373 -5.31 14.86 -8.49
C GLU B 373 -6.64 14.62 -7.71
N ALA B 374 -7.66 15.41 -7.94
CA ALA B 374 -8.94 15.18 -7.24
C ALA B 374 -9.59 13.82 -7.58
N CYS B 375 -9.60 13.50 -8.90
CA CYS B 375 -10.14 12.20 -9.40
C CYS B 375 -9.39 11.05 -8.81
N VAL B 376 -8.06 11.10 -8.82
CA VAL B 376 -7.25 10.03 -8.24
C VAL B 376 -7.41 9.87 -6.69
N ALA B 377 -7.55 10.98 -5.96
CA ALA B 377 -7.90 10.90 -4.51
C ALA B 377 -9.28 10.23 -4.31
N ALA B 378 -10.23 10.59 -5.15
CA ALA B 378 -11.57 9.97 -5.11
C ALA B 378 -11.48 8.48 -5.29
N LEU B 379 -10.71 8.03 -6.28
CA LEU B 379 -10.59 6.62 -6.58
C LEU B 379 -9.99 5.86 -5.38
N LEU B 380 -9.08 6.55 -4.66
CA LEU B 380 -8.42 6.03 -3.47
C LEU B 380 -9.32 5.97 -2.21
N GLY B 381 -10.50 6.54 -2.29
CA GLY B 381 -11.50 6.42 -1.24
C GLY B 381 -11.83 7.70 -0.51
N ASN B 382 -11.10 8.75 -0.81
CA ASN B 382 -11.27 10.06 -0.22
C ASN B 382 -12.58 10.64 -0.68
N ARG B 383 -13.33 11.23 0.25
CA ARG B 383 -14.70 11.64 -0.02
C ARG B 383 -14.82 13.14 -0.03
N VAL B 384 -15.78 13.61 -0.80
CA VAL B 384 -16.00 15.01 -1.00
C VAL B 384 -17.31 15.36 -0.31
N ASP B 385 -17.25 16.32 0.61
CA ASP B 385 -18.41 16.86 1.31
C ASP B 385 -19.08 17.90 0.45
N PRO B 386 -20.30 17.57 -0.06
CA PRO B 386 -21.00 18.51 -0.94
C PRO B 386 -21.46 19.75 -0.23
N LEU B 387 -21.45 19.72 1.10
CA LEU B 387 -21.85 20.88 1.88
C LEU B 387 -20.65 21.78 2.23
N SER B 388 -19.45 21.26 2.03
CA SER B 388 -18.21 21.99 2.32
C SER B 388 -17.86 22.97 1.22
N GLU B 389 -18.83 23.36 0.42
CA GLU B 389 -18.55 24.16 -0.73
C GLU B 389 -19.77 25.01 -1.07
N GLU B 390 -19.78 26.26 -0.61
CA GLU B 390 -20.87 27.20 -0.96
C GLU B 390 -20.70 27.38 -2.43
N GLY B 391 -21.69 27.95 -3.13
CA GLY B 391 -21.55 27.93 -4.57
C GLY B 391 -22.08 26.64 -5.20
N TRP B 392 -21.81 25.48 -4.58
CA TRP B 392 -22.62 24.28 -4.82
C TRP B 392 -23.97 24.42 -4.06
N LYS B 393 -24.34 25.65 -3.69
CA LYS B 393 -25.67 25.96 -3.16
C LYS B 393 -26.44 26.73 -4.21
N GLN B 394 -25.74 27.18 -5.25
CA GLN B 394 -26.36 27.96 -6.30
C GLN B 394 -27.24 27.10 -7.20
N LYS B 395 -28.31 27.69 -7.70
CA LYS B 395 -29.16 27.03 -8.69
C LYS B 395 -28.44 26.99 -10.05
N PRO B 396 -28.58 25.88 -10.81
CA PRO B 396 -27.93 25.87 -12.13
C PRO B 396 -28.49 26.93 -13.06
N ASN B 397 -27.61 27.55 -13.84
CA ASN B 397 -28.05 28.61 -14.72
C ASN B 397 -29.18 28.16 -15.65
N LEU B 398 -29.93 29.14 -16.13
CA LEU B 398 -31.08 28.90 -16.96
C LEU B 398 -30.68 28.24 -18.27
N ASN B 399 -29.46 28.50 -18.69
CA ASN B 399 -29.02 27.92 -19.96
C ASN B 399 -28.92 26.39 -19.80
N ALA B 400 -28.35 25.97 -18.66
CA ALA B 400 -28.17 24.58 -18.29
C ALA B 400 -29.52 23.90 -18.10
N ILE B 401 -30.40 24.56 -17.34
CA ILE B 401 -31.77 24.09 -17.17
C ILE B 401 -32.48 23.81 -18.48
N ARG B 402 -32.43 24.73 -19.43
CA ARG B 402 -33.11 24.44 -20.69
C ARG B 402 -32.41 23.34 -21.51
N SER B 403 -31.10 23.13 -21.27
CA SER B 403 -30.36 22.08 -22.02
C SER B 403 -30.75 20.72 -21.46
N LEU B 404 -30.82 20.65 -20.12
CA LEU B 404 -31.20 19.38 -19.48
C LEU B 404 -32.64 19.07 -19.86
N GLU B 405 -33.46 20.13 -19.92
CA GLU B 405 -34.87 19.94 -20.27
C GLU B 405 -35.05 19.34 -21.66
N ALA B 406 -34.20 19.74 -22.60
CA ALA B 406 -34.18 19.12 -23.92
C ALA B 406 -33.72 17.65 -23.86
N VAL B 407 -32.74 17.35 -23.01
CA VAL B 407 -32.29 16.00 -22.85
C VAL B 407 -33.48 15.14 -22.37
N ILE B 408 -34.22 15.63 -21.36
CA ILE B 408 -35.37 14.88 -20.79
C ILE B 408 -36.47 14.65 -21.83
N ARG B 409 -36.82 15.68 -22.56
CA ARG B 409 -37.88 15.59 -23.56
C ARG B 409 -37.57 14.52 -24.62
N VAL B 410 -36.29 14.39 -24.97
CA VAL B 410 -35.91 13.40 -25.99
C VAL B 410 -35.89 11.98 -25.37
N HIS B 411 -35.26 11.87 -24.21
CA HIS B 411 -35.04 10.57 -23.59
C HIS B 411 -36.19 10.04 -22.74
N SER B 412 -37.23 10.85 -22.53
CA SER B 412 -38.49 10.35 -21.93
C SER B 412 -39.03 9.19 -22.76
N LYS B 413 -38.64 9.13 -24.03
CA LYS B 413 -39.09 8.07 -24.91
C LYS B 413 -38.55 6.69 -24.49
N TYR B 414 -37.36 6.69 -23.91
CA TYR B 414 -36.59 5.46 -23.68
C TYR B 414 -36.49 5.08 -22.25
N TRP B 415 -36.55 6.04 -21.34
CA TRP B 415 -36.14 5.79 -19.97
C TRP B 415 -37.20 6.18 -18.94
N GLY B 416 -37.52 5.26 -18.00
CA GLY B 416 -38.52 5.49 -16.94
C GLY B 416 -38.18 6.67 -16.06
N CYS B 417 -36.92 6.75 -15.65
CA CYS B 417 -36.46 7.92 -14.91
C CYS B 417 -36.60 9.28 -15.64
N MET B 418 -36.76 9.27 -16.97
CA MET B 418 -36.95 10.49 -17.78
C MET B 418 -38.43 10.74 -18.11
N GLN B 419 -39.30 9.77 -17.78
CA GLN B 419 -40.72 9.91 -18.04
C GLN B 419 -41.35 10.66 -16.83
N ARG B 420 -41.73 11.91 -17.03
CA ARG B 420 -42.58 12.58 -16.04
C ARG B 420 -44.03 12.88 -16.43
N LEU B 421 -44.86 12.87 -15.40
CA LEU B 421 -46.20 13.45 -15.43
C LEU B 421 -46.16 14.90 -15.96
N THR C 39 -21.26 -11.12 9.82
CA THR C 39 -20.69 -11.68 8.55
C THR C 39 -19.55 -12.67 8.85
N THR C 40 -19.21 -13.47 7.83
CA THR C 40 -18.01 -14.29 7.82
C THR C 40 -16.78 -13.50 7.27
N GLY C 41 -15.61 -13.66 7.89
CA GLY C 41 -14.33 -13.24 7.31
C GLY C 41 -13.67 -14.34 6.47
N LEU C 42 -13.01 -13.98 5.37
CA LEU C 42 -12.03 -14.87 4.72
C LEU C 42 -10.73 -14.12 4.66
N ILE C 43 -9.63 -14.78 5.00
CA ILE C 43 -8.32 -14.15 4.83
C ILE C 43 -7.54 -14.93 3.78
N TYR C 44 -6.88 -14.16 2.91
CA TYR C 44 -6.04 -14.67 1.85
C TYR C 44 -5.20 -13.52 1.29
N ASP C 45 -3.95 -13.80 0.94
CA ASP C 45 -3.13 -12.83 0.22
C ASP C 45 -2.05 -13.57 -0.58
N SER C 46 -1.87 -13.10 -1.81
CA SER C 46 -0.96 -13.78 -2.72
C SER C 46 0.50 -13.74 -2.22
N VAL C 47 0.78 -12.87 -1.26
CA VAL C 47 2.04 -12.92 -0.51
C VAL C 47 2.45 -14.37 -0.14
N MET C 48 1.43 -15.20 0.09
CA MET C 48 1.65 -16.57 0.58
C MET C 48 1.90 -17.59 -0.54
N LEU C 49 1.60 -17.21 -1.78
CA LEU C 49 1.96 -18.08 -2.93
C LEU C 49 3.48 -18.20 -3.14
N LYS C 50 4.24 -17.21 -2.68
CA LYS C 50 5.65 -17.06 -3.02
C LYS C 50 6.57 -17.98 -2.24
N HIS C 51 6.02 -18.65 -1.23
CA HIS C 51 6.77 -19.66 -0.50
C HIS C 51 6.73 -20.82 -1.46
N GLN C 52 7.88 -21.12 -2.05
CA GLN C 52 8.04 -22.26 -2.94
C GLN C 52 9.47 -22.52 -3.22
N CYS C 53 9.80 -23.80 -3.38
CA CYS C 53 11.20 -24.20 -3.56
C CYS C 53 11.82 -23.66 -4.86
N SER C 54 13.12 -23.38 -4.80
CA SER C 54 13.87 -22.90 -5.98
C SER C 54 13.95 -23.89 -7.16
N CYS C 55 13.81 -25.21 -6.89
CA CYS C 55 13.69 -26.21 -7.99
C CYS C 55 12.40 -26.04 -8.79
N GLY C 56 11.40 -25.41 -8.18
CA GLY C 56 10.14 -25.15 -8.85
C GLY C 56 9.34 -26.39 -9.17
N ASP C 57 9.52 -27.45 -8.36
CA ASP C 57 8.88 -28.76 -8.57
C ASP C 57 7.72 -29.02 -7.58
N ASN C 58 6.49 -28.82 -8.04
CA ASN C 58 5.31 -28.97 -7.17
C ASN C 58 4.89 -30.44 -7.03
N SER C 59 5.59 -31.32 -7.77
CA SER C 59 5.48 -32.78 -7.62
C SER C 59 6.23 -33.29 -6.37
N ARG C 60 7.49 -32.89 -6.21
CA ARG C 60 8.26 -33.40 -5.09
C ARG C 60 8.08 -32.63 -3.77
N HIS C 61 7.49 -31.42 -3.86
CA HIS C 61 7.13 -30.63 -2.67
C HIS C 61 5.61 -30.49 -2.58
N PRO C 62 4.98 -31.36 -1.74
CA PRO C 62 3.50 -31.44 -1.60
C PRO C 62 2.85 -30.11 -1.13
N GLU C 63 3.49 -29.39 -0.20
CA GLU C 63 2.94 -28.16 0.32
C GLU C 63 3.26 -27.00 -0.63
N HIS C 64 2.53 -26.91 -1.73
CA HIS C 64 2.83 -25.96 -2.80
C HIS C 64 1.76 -24.84 -2.92
N ALA C 65 2.11 -23.79 -3.65
CA ALA C 65 1.33 -22.57 -3.71
C ALA C 65 -0.09 -22.79 -4.23
N GLY C 66 -0.25 -23.78 -5.10
CA GLY C 66 -1.54 -24.15 -5.70
C GLY C 66 -2.64 -24.56 -4.72
N ARG C 67 -2.23 -25.06 -3.55
CA ARG C 67 -3.19 -25.40 -2.49
C ARG C 67 -4.12 -24.21 -2.17
N ILE C 68 -3.56 -23.09 -1.74
CA ILE C 68 -4.37 -21.93 -1.36
C ILE C 68 -4.96 -21.10 -2.51
N GLN C 69 -4.27 -21.02 -3.66
CA GLN C 69 -4.84 -20.35 -4.85
C GLN C 69 -6.12 -21.04 -5.31
N SER C 70 -6.10 -22.37 -5.36
CA SER C 70 -7.23 -23.15 -5.88
C SER C 70 -8.47 -23.09 -4.99
N ILE C 71 -8.24 -23.08 -3.66
CA ILE C 71 -9.27 -22.78 -2.66
C ILE C 71 -9.88 -21.36 -2.87
N TRP C 72 -9.03 -20.34 -2.95
CA TRP C 72 -9.50 -18.95 -3.19
C TRP C 72 -10.35 -18.81 -4.44
N SER C 73 -9.89 -19.45 -5.52
CA SER C 73 -10.59 -19.39 -6.78
C SER C 73 -11.88 -20.22 -6.74
N ARG C 74 -11.87 -21.38 -6.06
CA ARG C 74 -13.09 -22.17 -5.86
C ARG C 74 -14.20 -21.42 -5.12
N LEU C 75 -13.84 -20.60 -4.14
CA LEU C 75 -14.85 -19.87 -3.37
C LEU C 75 -15.44 -18.66 -4.12
N GLN C 76 -14.67 -18.09 -5.05
CA GLN C 76 -15.20 -17.08 -5.98
C GLN C 76 -16.17 -17.74 -6.96
N GLU C 77 -15.72 -18.84 -7.58
CA GLU C 77 -16.51 -19.62 -8.54
C GLU C 77 -17.89 -20.01 -8.04
N ARG C 78 -17.98 -20.30 -6.74
CA ARG C 78 -19.23 -20.80 -6.16
C ARG C 78 -19.93 -19.70 -5.39
N GLY C 79 -19.41 -18.48 -5.49
CA GLY C 79 -20.11 -17.30 -5.00
C GLY C 79 -20.11 -17.06 -3.51
N LEU C 80 -19.14 -17.66 -2.82
CA LEU C 80 -19.06 -17.55 -1.37
C LEU C 80 -18.24 -16.35 -0.96
N ARG C 81 -17.26 -15.95 -1.75
CA ARG C 81 -16.46 -14.76 -1.44
C ARG C 81 -17.26 -13.46 -1.43
N SER C 82 -18.21 -13.33 -2.37
CA SER C 82 -19.15 -12.19 -2.39
C SER C 82 -19.88 -11.99 -1.06
N GLN C 83 -20.15 -13.11 -0.38
CA GLN C 83 -20.98 -13.20 0.85
C GLN C 83 -20.22 -12.86 2.13
N CYS C 84 -18.89 -12.86 2.05
CA CYS C 84 -18.03 -12.63 3.21
C CYS C 84 -17.32 -11.27 3.15
N GLU C 85 -16.79 -10.85 4.28
CA GLU C 85 -15.82 -9.78 4.35
C GLU C 85 -14.47 -10.37 3.98
N CYS C 86 -14.01 -10.08 2.76
CA CYS C 86 -12.72 -10.60 2.31
C CYS C 86 -11.55 -9.72 2.72
N LEU C 87 -10.56 -10.33 3.38
CA LEU C 87 -9.47 -9.57 3.99
C LEU C 87 -8.09 -10.08 3.56
N ARG C 88 -7.07 -9.27 3.81
CA ARG C 88 -5.71 -9.59 3.37
C ARG C 88 -4.79 -10.14 4.46
N GLY C 89 -4.86 -9.55 5.66
CA GLY C 89 -4.05 -10.00 6.77
C GLY C 89 -2.78 -9.17 6.88
N ARG C 90 -1.79 -9.69 7.58
CA ARG C 90 -0.56 -8.96 7.85
C ARG C 90 0.57 -9.88 8.32
N LYS C 91 1.80 -9.36 8.29
CA LYS C 91 2.93 -10.02 8.86
C LYS C 91 2.82 -9.89 10.36
N ALA C 92 2.98 -11.04 11.05
CA ALA C 92 2.98 -11.09 12.48
C ALA C 92 4.21 -10.32 12.85
N SER C 93 4.14 -9.53 13.91
CA SER C 93 5.37 -8.92 14.41
C SER C 93 6.26 -9.98 15.04
N LEU C 94 7.52 -9.62 15.21
CA LEU C 94 8.51 -10.46 15.87
C LEU C 94 8.07 -10.74 17.31
N GLU C 95 7.33 -9.81 17.92
CA GLU C 95 6.87 -9.95 19.33
C GLU C 95 5.72 -10.94 19.41
N GLU C 96 4.84 -10.94 18.41
CA GLU C 96 3.79 -11.93 18.34
C GLU C 96 4.39 -13.34 18.19
N LEU C 97 5.37 -13.49 17.32
CA LEU C 97 6.05 -14.78 17.17
C LEU C 97 6.67 -15.29 18.49
N GLN C 98 7.18 -14.35 19.28
CA GLN C 98 7.94 -14.61 20.49
C GLN C 98 7.07 -15.08 21.66
N SER C 99 5.76 -14.89 21.53
CA SER C 99 4.81 -15.33 22.55
C SER C 99 4.66 -16.86 22.49
N VAL C 100 5.08 -17.46 21.38
CA VAL C 100 5.09 -18.92 21.23
C VAL C 100 6.49 -19.48 21.08
N HIS C 101 7.35 -18.74 20.35
CA HIS C 101 8.62 -19.28 19.86
C HIS C 101 9.82 -18.65 20.48
N SER C 102 10.95 -19.37 20.52
CA SER C 102 12.17 -18.85 21.14
C SER C 102 12.76 -17.66 20.35
N GLU C 103 13.74 -16.96 20.94
CA GLU C 103 14.35 -15.79 20.32
C GLU C 103 15.15 -16.20 19.08
N ARG C 104 15.93 -17.27 19.17
CA ARG C 104 16.62 -17.82 18.01
C ARG C 104 15.69 -18.30 16.92
N HIS C 105 14.63 -18.99 17.31
CA HIS C 105 13.67 -19.44 16.31
C HIS C 105 13.08 -18.23 15.57
N VAL C 106 12.74 -17.17 16.31
CA VAL C 106 12.02 -16.05 15.67
C VAL C 106 12.97 -15.27 14.73
N LEU C 107 14.18 -15.02 15.21
CA LEU C 107 15.25 -14.42 14.44
C LEU C 107 15.67 -15.20 13.19
N LEU C 108 15.81 -16.52 13.29
CA LEU C 108 16.13 -17.38 12.16
C LEU C 108 15.05 -17.49 11.09
N TYR C 109 13.81 -17.69 11.51
CA TYR C 109 12.74 -17.79 10.53
C TYR C 109 11.92 -16.51 10.42
N GLY C 110 12.16 -15.55 11.30
CA GLY C 110 11.30 -14.34 11.36
C GLY C 110 11.82 -13.25 10.42
N THR C 111 13.13 -13.28 10.20
CA THR C 111 13.83 -12.26 9.44
C THR C 111 14.67 -12.88 8.31
N ASN C 112 15.01 -12.09 7.30
CA ASN C 112 15.82 -12.61 6.18
C ASN C 112 17.33 -12.86 6.53
N PRO C 113 18.22 -11.84 6.39
CA PRO C 113 18.18 -10.60 5.64
C PRO C 113 18.82 -10.74 4.23
N LEU C 136 19.42 -29.76 0.40
CA LEU C 136 18.28 -30.49 -0.19
C LEU C 136 18.57 -31.21 -1.53
N PRO C 137 18.10 -32.47 -1.67
CA PRO C 137 18.31 -33.25 -2.89
C PRO C 137 18.25 -32.37 -4.12
N CYS C 138 17.12 -31.65 -4.27
CA CYS C 138 16.76 -30.86 -5.45
C CYS C 138 17.61 -29.63 -5.73
N GLY C 139 18.59 -29.38 -4.87
CA GLY C 139 19.42 -28.18 -5.03
C GLY C 139 18.93 -26.98 -4.26
N GLY C 140 17.61 -26.87 -4.08
CA GLY C 140 17.02 -25.82 -3.23
C GLY C 140 17.51 -25.84 -1.78
N VAL C 141 17.16 -24.79 -1.04
CA VAL C 141 17.45 -24.74 0.40
C VAL C 141 16.21 -25.19 1.22
N GLY C 142 16.48 -25.79 2.38
CA GLY C 142 15.43 -26.30 3.28
C GLY C 142 15.81 -26.29 4.76
N VAL C 143 14.80 -26.48 5.61
CA VAL C 143 15.04 -26.72 7.03
C VAL C 143 15.23 -28.22 7.30
N ASP C 144 14.53 -29.04 6.52
CA ASP C 144 14.73 -30.49 6.48
C ASP C 144 14.12 -31.01 5.17
N THR C 145 14.26 -32.30 4.91
CA THR C 145 13.72 -32.94 3.68
C THR C 145 12.33 -32.42 3.24
N ASP C 146 11.47 -32.17 4.23
CA ASP C 146 10.09 -31.77 3.99
C ASP C 146 9.97 -30.25 3.91
N THR C 147 10.74 -29.56 4.73
CA THR C 147 10.46 -28.16 5.01
C THR C 147 11.33 -27.23 4.17
N ILE C 148 10.69 -26.62 3.17
CA ILE C 148 11.34 -25.81 2.12
C ILE C 148 11.68 -24.40 2.58
N TRP C 149 12.85 -23.90 2.18
CA TRP C 149 13.20 -22.50 2.46
C TRP C 149 13.54 -21.66 1.22
N ASN C 150 12.56 -20.86 0.80
CA ASN C 150 12.79 -19.80 -0.17
C ASN C 150 13.44 -18.58 0.49
N GLU C 151 14.65 -18.29 0.03
CA GLU C 151 15.52 -17.29 0.62
C GLU C 151 14.99 -15.86 0.62
N LEU C 152 13.98 -15.60 -0.19
CA LEU C 152 13.44 -14.26 -0.31
C LEU C 152 12.05 -14.12 0.31
N HIS C 153 11.26 -15.20 0.20
CA HIS C 153 9.82 -15.17 0.41
C HIS C 153 9.29 -16.00 1.59
N SER C 154 10.00 -17.06 2.04
CA SER C 154 9.48 -17.97 3.06
C SER C 154 9.15 -17.24 4.36
N SER C 155 10.17 -16.65 4.99
CA SER C 155 10.00 -15.75 6.11
C SER C 155 8.75 -14.85 6.06
N ASN C 156 8.55 -14.13 4.95
CA ASN C 156 7.38 -13.26 4.75
C ASN C 156 6.08 -14.07 4.71
N ALA C 157 6.11 -15.21 4.01
CA ALA C 157 4.93 -16.05 3.87
C ALA C 157 4.47 -16.64 5.22
N ALA C 158 5.45 -17.09 6.00
CA ALA C 158 5.21 -17.71 7.30
C ALA C 158 4.65 -16.66 8.29
N ARG C 159 5.34 -15.54 8.41
CA ARG C 159 4.88 -14.41 9.21
C ARG C 159 3.51 -13.91 8.75
N TRP C 160 3.20 -14.08 7.47
CA TRP C 160 1.87 -13.71 6.94
C TRP C 160 0.76 -14.67 7.32
N ALA C 161 0.98 -15.98 7.21
CA ALA C 161 0.01 -16.95 7.71
C ALA C 161 -0.35 -16.69 9.21
N ALA C 162 0.66 -16.42 10.03
CA ALA C 162 0.46 -16.28 11.44
C ALA C 162 -0.23 -14.96 11.83
N GLY C 163 0.14 -13.88 11.12
CA GLY C 163 -0.42 -12.57 11.38
C GLY C 163 -1.85 -12.55 10.95
N SER C 164 -2.18 -13.30 9.89
CA SER C 164 -3.53 -13.36 9.37
C SER C 164 -4.48 -14.11 10.29
N VAL C 165 -4.06 -15.27 10.82
CA VAL C 165 -4.91 -16.07 11.71
C VAL C 165 -5.17 -15.24 12.95
N THR C 166 -4.11 -14.66 13.52
CA THR C 166 -4.20 -13.78 14.71
C THR C 166 -5.15 -12.59 14.50
N ASP C 167 -5.08 -11.99 13.31
CA ASP C 167 -5.88 -10.83 12.93
C ASP C 167 -7.34 -11.19 12.90
N LEU C 168 -7.66 -12.25 12.17
CA LEU C 168 -9.03 -12.78 12.02
C LEU C 168 -9.63 -13.26 13.36
N ALA C 169 -8.78 -13.80 14.22
CA ALA C 169 -9.25 -14.31 15.50
C ALA C 169 -9.64 -13.15 16.39
N PHE C 170 -8.86 -12.07 16.30
CA PHE C 170 -9.06 -10.85 17.09
C PHE C 170 -10.29 -10.10 16.69
N LYS C 171 -10.74 -10.31 15.46
CA LYS C 171 -11.93 -9.67 14.90
C LYS C 171 -13.16 -10.49 15.29
N VAL C 172 -13.04 -11.82 15.21
CA VAL C 172 -14.13 -12.72 15.64
C VAL C 172 -14.44 -12.52 17.15
N ALA C 173 -13.38 -12.45 17.96
CA ALA C 173 -13.51 -12.22 19.41
C ALA C 173 -14.27 -10.90 19.68
N SER C 174 -13.94 -9.86 18.92
CA SER C 174 -14.61 -8.54 18.99
C SER C 174 -16.06 -8.54 18.52
N ARG C 175 -16.49 -9.63 17.90
CA ARG C 175 -17.83 -9.71 17.27
C ARG C 175 -17.90 -8.67 16.11
N GLU C 176 -16.74 -8.09 15.83
CA GLU C 176 -16.47 -7.33 14.61
C GLU C 176 -16.77 -8.19 13.39
N LEU C 177 -16.44 -9.49 13.49
CA LEU C 177 -16.82 -10.52 12.51
C LEU C 177 -17.53 -11.63 13.28
N LYS C 178 -18.41 -12.38 12.62
CA LYS C 178 -19.14 -13.43 13.31
C LYS C 178 -18.24 -14.66 13.53
N ASN C 179 -17.72 -15.18 12.41
CA ASN C 179 -16.82 -16.31 12.38
C ASN C 179 -15.82 -16.07 11.23
N GLY C 180 -15.05 -17.09 10.82
CA GLY C 180 -14.10 -16.90 9.69
C GLY C 180 -13.14 -18.03 9.31
N PHE C 181 -12.58 -17.93 8.11
CA PHE C 181 -11.64 -18.89 7.54
C PHE C 181 -10.35 -18.18 7.03
N ALA C 182 -9.21 -18.57 7.57
CA ALA C 182 -7.91 -18.10 7.12
C ALA C 182 -7.33 -19.11 6.11
N VAL C 183 -7.26 -18.68 4.85
CA VAL C 183 -6.73 -19.52 3.76
C VAL C 183 -5.21 -19.31 3.71
N VAL C 184 -4.49 -19.98 4.59
CA VAL C 184 -3.09 -19.67 4.77
C VAL C 184 -2.15 -20.81 4.43
N ARG C 185 -0.92 -20.45 4.06
CA ARG C 185 0.18 -21.40 4.01
C ARG C 185 1.38 -20.52 4.20
N PRO C 186 2.52 -21.08 4.69
CA PRO C 186 2.68 -22.47 5.09
C PRO C 186 1.85 -22.78 6.39
N PRO C 187 1.57 -24.07 6.65
CA PRO C 187 0.78 -24.41 7.88
C PRO C 187 1.58 -24.17 9.19
N GLY C 188 0.95 -24.44 10.35
CA GLY C 188 1.57 -24.13 11.60
C GLY C 188 1.67 -25.19 12.67
N HIS C 189 0.84 -26.23 12.61
CA HIS C 189 0.62 -27.05 13.84
C HIS C 189 1.77 -27.93 14.30
N HIS C 190 2.75 -28.19 13.41
CA HIS C 190 3.94 -28.95 13.80
C HIS C 190 4.99 -28.06 14.40
N ALA C 191 4.85 -26.74 14.21
CA ALA C 191 5.84 -25.82 14.80
C ALA C 191 5.72 -25.70 16.31
N ASP C 192 6.88 -25.80 16.96
CA ASP C 192 7.01 -25.80 18.42
C ASP C 192 7.88 -24.62 18.83
N HIS C 193 8.03 -24.42 20.14
CA HIS C 193 8.80 -23.33 20.69
C HIS C 193 10.11 -23.09 19.94
N SER C 194 10.84 -24.16 19.64
CA SER C 194 12.08 -24.00 18.88
C SER C 194 12.27 -24.98 17.73
N THR C 195 11.19 -25.40 17.10
CA THR C 195 11.30 -26.38 16.05
C THR C 195 10.37 -26.08 14.88
N ALA C 196 10.97 -25.99 13.69
CA ALA C 196 10.25 -25.90 12.43
C ALA C 196 10.27 -27.29 11.88
N MET C 197 9.13 -27.84 11.48
CA MET C 197 9.12 -29.21 10.97
C MET C 197 7.80 -29.45 10.36
N GLY C 198 7.73 -30.49 9.53
CA GLY C 198 6.45 -30.92 8.99
C GLY C 198 5.78 -29.88 8.14
N PHE C 199 6.58 -29.11 7.38
CA PHE C 199 6.07 -28.03 6.52
C PHE C 199 5.69 -26.73 7.27
N CYS C 200 6.00 -26.66 8.57
CA CYS C 200 5.54 -25.61 9.50
C CYS C 200 6.71 -24.86 10.09
N PHE C 201 6.65 -23.53 10.12
CA PHE C 201 7.68 -22.71 10.80
C PHE C 201 7.20 -22.05 12.07
N PHE C 202 6.01 -21.48 11.98
CA PHE C 202 5.45 -20.79 13.13
C PHE C 202 4.06 -21.37 13.34
N ASN C 203 3.69 -21.58 14.59
CA ASN C 203 2.39 -22.13 14.89
C ASN C 203 1.39 -20.98 14.97
N SER C 204 0.73 -20.76 13.84
CA SER C 204 -0.10 -19.61 13.57
C SER C 204 -1.29 -19.62 14.52
N VAL C 205 -1.86 -20.81 14.73
CA VAL C 205 -2.98 -21.02 15.65
C VAL C 205 -2.55 -20.80 17.09
N ALA C 206 -1.42 -21.39 17.49
CA ALA C 206 -0.91 -21.20 18.82
C ALA C 206 -0.66 -19.70 19.10
N ILE C 207 -0.01 -19.01 18.16
CA ILE C 207 0.27 -17.59 18.27
C ILE C 207 -1.00 -16.74 18.47
N ALA C 208 -1.99 -16.93 17.60
CA ALA C 208 -3.27 -16.28 17.71
C ALA C 208 -3.84 -16.46 19.12
N CYS C 209 -3.88 -17.71 19.60
CA CYS C 209 -4.32 -18.06 20.96
C CYS C 209 -3.63 -17.23 22.03
N ARG C 210 -2.29 -17.24 22.06
CA ARG C 210 -1.50 -16.47 23.01
C ARG C 210 -1.83 -14.99 22.95
N GLN C 211 -1.98 -14.46 21.73
CA GLN C 211 -2.30 -13.03 21.53
C GLN C 211 -3.67 -12.66 22.12
N LEU C 212 -4.70 -13.42 21.73
CA LEU C 212 -6.05 -13.41 22.36
C LEU C 212 -6.06 -13.40 23.89
N GLN C 213 -5.17 -14.21 24.48
CA GLN C 213 -5.04 -14.31 25.93
C GLN C 213 -4.32 -13.09 26.50
N GLN C 214 -3.23 -12.67 25.86
CA GLN C 214 -2.41 -11.59 26.39
C GLN C 214 -3.10 -10.21 26.31
N GLN C 215 -4.09 -10.12 25.43
CA GLN C 215 -4.88 -8.90 25.24
C GLN C 215 -6.21 -9.02 25.97
N SER C 216 -6.30 -9.97 26.88
CA SER C 216 -7.56 -10.31 27.55
C SER C 216 -8.76 -10.29 26.60
N LYS C 217 -8.59 -10.76 25.36
CA LYS C 217 -9.70 -10.79 24.38
C LYS C 217 -10.64 -12.01 24.44
N ALA C 218 -10.30 -12.99 25.28
CA ALA C 218 -11.02 -14.26 25.43
C ALA C 218 -10.39 -15.08 26.55
N SER C 219 -11.21 -15.64 27.44
CA SER C 219 -10.67 -16.23 28.68
C SER C 219 -10.41 -17.72 28.52
N LYS C 220 -11.36 -18.41 27.88
CA LYS C 220 -11.22 -19.84 27.65
C LYS C 220 -11.29 -20.13 26.15
N ILE C 221 -10.24 -20.75 25.65
CA ILE C 221 -10.11 -21.03 24.22
C ILE C 221 -10.05 -22.53 23.93
N LEU C 222 -10.93 -22.98 23.06
CA LEU C 222 -10.86 -24.30 22.51
C LEU C 222 -10.12 -24.33 21.16
N ILE C 223 -9.18 -25.26 21.04
CA ILE C 223 -8.56 -25.51 19.72
C ILE C 223 -8.89 -26.90 19.31
N VAL C 224 -9.52 -27.04 18.15
CA VAL C 224 -9.83 -28.30 17.60
C VAL C 224 -8.94 -28.48 16.41
N ASP C 225 -8.26 -29.63 16.37
CA ASP C 225 -7.28 -29.91 15.33
C ASP C 225 -7.74 -31.15 14.56
N TRP C 226 -8.45 -30.95 13.43
CA TRP C 226 -8.92 -32.11 12.65
C TRP C 226 -8.08 -32.53 11.44
N ASP C 227 -6.95 -31.86 11.27
CA ASP C 227 -5.91 -32.34 10.39
C ASP C 227 -5.64 -33.81 10.78
N VAL C 228 -5.35 -34.65 9.79
CA VAL C 228 -5.08 -36.07 10.01
C VAL C 228 -3.82 -36.30 10.87
N HIS C 229 -2.95 -35.29 10.91
CA HIS C 229 -1.74 -35.33 11.72
C HIS C 229 -1.95 -34.67 13.05
N HIS C 230 -1.27 -35.23 14.05
CA HIS C 230 -1.23 -34.64 15.38
C HIS C 230 -0.44 -33.28 15.47
N GLY C 231 -1.07 -32.25 16.04
CA GLY C 231 -0.44 -30.95 16.17
C GLY C 231 0.49 -30.92 17.35
N ASN C 232 1.64 -31.58 17.23
CA ASN C 232 2.56 -31.68 18.36
C ASN C 232 2.91 -30.33 18.98
N GLY C 233 3.03 -29.30 18.14
CA GLY C 233 3.50 -27.98 18.61
C GLY C 233 2.44 -27.31 19.45
N THR C 234 1.20 -27.40 18.98
CA THR C 234 0.02 -26.89 19.70
C THR C 234 -0.09 -27.65 21.04
N GLN C 235 -0.09 -28.98 20.99
CA GLN C 235 -0.06 -29.76 22.24
C GLN C 235 1.01 -29.27 23.20
N GLN C 236 2.24 -29.13 22.73
CA GLN C 236 3.31 -28.82 23.66
C GLN C 236 3.18 -27.42 24.24
N THR C 237 2.67 -26.51 23.43
CA THR C 237 2.57 -25.11 23.81
C THR C 237 1.59 -24.88 24.99
N PHE C 238 0.49 -25.61 24.94
CA PHE C 238 -0.61 -25.41 25.89
C PHE C 238 -0.69 -26.54 26.93
N TYR C 239 0.34 -27.38 26.99
CA TYR C 239 0.30 -28.56 27.87
C TYR C 239 0.01 -28.29 29.39
N GLN C 240 0.51 -27.19 29.93
CA GLN C 240 0.32 -26.85 31.34
C GLN C 240 -0.81 -25.85 31.54
N ASP C 241 -1.51 -25.49 30.48
CA ASP C 241 -2.43 -24.36 30.56
C ASP C 241 -3.85 -24.86 30.65
N PRO C 242 -4.57 -24.57 31.77
CA PRO C 242 -5.98 -24.95 31.86
C PRO C 242 -6.94 -24.04 31.11
N SER C 243 -6.50 -22.84 30.73
CA SER C 243 -7.42 -21.97 29.97
C SER C 243 -7.46 -22.31 28.50
N VAL C 244 -6.64 -23.26 28.07
CA VAL C 244 -6.71 -23.71 26.67
C VAL C 244 -7.06 -25.20 26.61
N LEU C 245 -8.15 -25.57 25.98
CA LEU C 245 -8.40 -26.96 25.69
C LEU C 245 -7.93 -27.25 24.28
N TYR C 246 -7.04 -28.24 24.12
CA TYR C 246 -6.71 -28.73 22.81
C TYR C 246 -7.25 -30.10 22.62
N ILE C 247 -8.04 -30.27 21.55
CA ILE C 247 -8.54 -31.55 21.14
C ILE C 247 -8.07 -31.84 19.72
N SER C 248 -7.23 -32.85 19.54
CA SER C 248 -6.82 -33.30 18.22
C SER C 248 -7.41 -34.65 17.82
N LEU C 249 -7.82 -34.76 16.55
CA LEU C 249 -8.17 -36.05 15.97
C LEU C 249 -7.05 -36.39 14.98
N HIS C 250 -6.50 -37.59 15.10
CA HIS C 250 -5.38 -37.93 14.23
C HIS C 250 -5.13 -39.41 14.11
N ARG C 251 -4.78 -39.82 12.88
CA ARG C 251 -4.18 -41.09 12.65
C ARG C 251 -2.91 -41.25 13.52
N HIS C 252 -2.94 -42.20 14.45
CA HIS C 252 -1.81 -42.45 15.36
C HIS C 252 -1.09 -43.81 15.11
N ASP C 253 -1.90 -44.85 14.96
CA ASP C 253 -1.45 -46.20 14.65
C ASP C 253 -0.27 -46.61 15.52
N ASP C 254 -0.45 -46.50 16.83
CA ASP C 254 0.57 -46.90 17.79
C ASP C 254 1.92 -46.20 17.66
N GLY C 255 1.94 -44.99 17.12
CA GLY C 255 3.16 -44.20 17.10
C GLY C 255 3.89 -44.33 15.77
N ASN C 256 3.21 -44.89 14.77
CA ASN C 256 3.79 -45.17 13.44
C ASN C 256 3.23 -44.33 12.29
N PHE C 257 2.88 -43.08 12.57
CA PHE C 257 2.43 -42.17 11.53
C PHE C 257 2.87 -40.74 11.90
N PHE C 258 3.26 -39.96 10.89
CA PHE C 258 3.84 -38.65 11.13
C PHE C 258 2.91 -37.85 12.04
N PRO C 259 3.46 -37.23 13.07
CA PRO C 259 4.87 -37.24 13.51
C PRO C 259 5.25 -38.17 14.67
N GLY C 260 4.36 -39.09 15.06
CA GLY C 260 4.66 -40.11 16.08
C GLY C 260 4.34 -39.74 17.52
N SER C 261 3.84 -38.51 17.71
CA SER C 261 3.39 -37.99 19.01
C SER C 261 1.85 -38.07 19.13
N GLY C 262 1.32 -37.55 20.25
CA GLY C 262 -0.14 -37.46 20.43
C GLY C 262 -0.86 -38.74 20.89
N ALA C 263 -0.28 -39.50 21.79
CA ALA C 263 -0.93 -40.72 22.34
C ALA C 263 -2.08 -40.34 23.27
N VAL C 264 -3.10 -41.19 23.28
CA VAL C 264 -4.25 -40.98 24.12
C VAL C 264 -3.91 -40.65 25.59
N ASP C 265 -2.83 -41.23 26.14
CA ASP C 265 -2.45 -41.08 27.57
C ASP C 265 -1.97 -39.68 27.99
N GLU C 266 -1.58 -38.87 27.01
CA GLU C 266 -1.02 -37.55 27.27
C GLU C 266 -2.19 -36.56 27.44
N VAL C 267 -2.38 -36.05 28.66
CA VAL C 267 -3.61 -35.37 29.06
C VAL C 267 -3.40 -33.94 29.45
N GLY C 268 -2.17 -33.47 29.44
CA GLY C 268 -1.83 -32.20 30.05
C GLY C 268 -1.08 -32.44 31.36
N ALA C 269 -0.52 -31.37 31.93
CA ALA C 269 0.23 -31.40 33.20
C ALA C 269 -0.12 -30.21 34.08
N GLY C 270 0.13 -30.37 35.37
CA GLY C 270 -0.17 -29.32 36.37
C GLY C 270 -1.62 -28.90 36.28
N SER C 271 -1.87 -27.59 36.29
CA SER C 271 -3.23 -27.05 36.27
C SER C 271 -3.95 -27.42 34.98
N GLY C 272 -3.16 -27.74 33.95
CA GLY C 272 -3.71 -28.12 32.65
C GLY C 272 -3.96 -29.59 32.48
N GLU C 273 -3.83 -30.39 33.54
CA GLU C 273 -4.16 -31.82 33.47
C GLU C 273 -5.63 -32.07 33.10
N GLY C 274 -5.89 -32.84 32.04
CA GLY C 274 -7.26 -33.04 31.57
C GLY C 274 -7.67 -32.16 30.38
N PHE C 275 -6.88 -31.12 30.11
CA PHE C 275 -7.23 -30.16 29.03
C PHE C 275 -6.44 -30.43 27.75
N ASN C 276 -5.89 -31.64 27.62
CA ASN C 276 -5.33 -32.08 26.35
C ASN C 276 -6.02 -33.37 26.01
N VAL C 277 -6.69 -33.43 24.87
CA VAL C 277 -7.44 -34.60 24.48
C VAL C 277 -7.02 -35.12 23.10
N ASN C 278 -6.32 -36.26 23.07
CA ASN C 278 -5.92 -36.93 21.82
C ASN C 278 -6.82 -38.08 21.45
N VAL C 279 -7.71 -37.82 20.50
CA VAL C 279 -8.44 -38.86 19.82
C VAL C 279 -7.53 -39.46 18.79
N ALA C 280 -6.67 -40.34 19.29
CA ALA C 280 -5.63 -41.00 18.50
C ALA C 280 -6.20 -42.26 17.92
N TRP C 281 -6.29 -42.30 16.58
CA TRP C 281 -6.95 -43.40 15.89
C TRP C 281 -5.94 -44.51 15.74
N ALA C 282 -6.34 -45.72 16.07
CA ALA C 282 -5.43 -46.85 15.92
C ALA C 282 -6.01 -47.92 15.01
N GLY C 283 -5.12 -48.84 14.57
CA GLY C 283 -5.47 -50.01 13.74
C GLY C 283 -5.37 -49.85 12.24
N GLY C 284 -4.51 -48.93 11.78
CA GLY C 284 -4.32 -48.69 10.35
C GLY C 284 -5.57 -48.35 9.53
N LEU C 285 -5.50 -48.64 8.23
CA LEU C 285 -6.42 -48.07 7.24
C LEU C 285 -7.63 -48.92 6.87
N ASP C 286 -7.66 -50.12 7.42
CA ASP C 286 -8.72 -51.05 7.13
C ASP C 286 -9.17 -51.74 8.40
N PRO C 287 -10.48 -51.68 8.67
CA PRO C 287 -11.48 -51.15 7.71
C PRO C 287 -11.48 -49.60 7.57
N PRO C 288 -12.30 -49.06 6.66
CA PRO C 288 -12.01 -47.68 6.27
C PRO C 288 -12.35 -46.69 7.38
N MET C 289 -11.48 -45.68 7.55
CA MET C 289 -11.72 -44.55 8.46
C MET C 289 -12.34 -43.34 7.75
N GLY C 290 -13.53 -42.95 8.17
CA GLY C 290 -14.25 -41.95 7.44
C GLY C 290 -15.27 -41.23 8.26
N ASP C 291 -16.42 -40.97 7.64
CA ASP C 291 -17.45 -40.13 8.25
C ASP C 291 -18.09 -40.71 9.56
N PRO C 292 -18.55 -41.98 9.54
CA PRO C 292 -19.16 -42.56 10.78
C PRO C 292 -18.23 -42.41 12.00
N GLU C 293 -16.95 -42.63 11.78
CA GLU C 293 -15.96 -42.52 12.85
C GLU C 293 -15.81 -41.12 13.35
N TYR C 294 -15.69 -40.14 12.42
CA TYR C 294 -15.53 -38.72 12.79
C TYR C 294 -16.80 -38.16 13.45
N LEU C 295 -17.94 -38.64 12.99
CA LEU C 295 -19.23 -38.22 13.52
C LEU C 295 -19.37 -38.78 14.94
N ALA C 296 -19.14 -40.09 15.10
CA ALA C 296 -19.01 -40.70 16.45
C ALA C 296 -18.08 -39.92 17.38
N ALA C 297 -16.85 -39.62 16.92
CA ALA C 297 -15.91 -38.85 17.77
C ALA C 297 -16.51 -37.54 18.22
N PHE C 298 -17.14 -36.82 17.32
CA PHE C 298 -17.80 -35.56 17.68
C PHE C 298 -18.96 -35.81 18.64
N ARG C 299 -19.84 -36.76 18.31
CA ARG C 299 -20.97 -37.12 19.18
C ARG C 299 -20.53 -37.43 20.63
N ILE C 300 -19.50 -38.26 20.77
CA ILE C 300 -19.14 -38.89 22.06
C ILE C 300 -18.01 -38.13 22.81
N VAL C 301 -17.02 -37.63 22.08
CA VAL C 301 -15.89 -37.03 22.71
C VAL C 301 -15.87 -35.49 22.57
N VAL C 302 -15.83 -34.99 21.33
CA VAL C 302 -15.47 -33.57 21.09
C VAL C 302 -16.49 -32.61 21.64
N MET C 303 -17.72 -32.79 21.23
CA MET C 303 -18.80 -31.83 21.53
C MET C 303 -19.22 -31.88 23.02
N PRO C 304 -19.36 -33.08 23.62
CA PRO C 304 -19.56 -33.10 25.07
C PRO C 304 -18.42 -32.44 25.89
N ILE C 305 -17.17 -32.79 25.62
CA ILE C 305 -16.06 -32.13 26.34
C ILE C 305 -15.98 -30.61 26.13
N ALA C 306 -16.21 -30.19 24.89
CA ALA C 306 -16.16 -28.76 24.54
C ALA C 306 -17.25 -28.00 25.29
N ARG C 307 -18.48 -28.52 25.27
CA ARG C 307 -19.58 -27.90 26.06
C ARG C 307 -19.32 -27.86 27.55
N GLU C 308 -18.69 -28.90 28.10
CA GLU C 308 -18.37 -28.89 29.54
C GLU C 308 -17.34 -27.81 29.83
N PHE C 309 -16.37 -27.69 28.93
CA PHE C 309 -15.36 -26.64 28.96
C PHE C 309 -15.99 -25.26 28.68
N SER C 310 -17.05 -25.25 27.88
CA SER C 310 -17.74 -24.03 27.37
C SER C 310 -16.75 -22.92 26.99
N PRO C 311 -16.11 -23.04 25.82
CA PRO C 311 -15.08 -22.06 25.47
C PRO C 311 -15.65 -20.67 25.13
N ASP C 312 -14.84 -19.60 25.28
CA ASP C 312 -15.23 -18.24 24.87
C ASP C 312 -14.97 -18.04 23.39
N LEU C 313 -13.96 -18.76 22.88
CA LEU C 313 -13.68 -18.78 21.44
C LEU C 313 -13.07 -20.13 21.03
N VAL C 314 -13.35 -20.52 19.79
CA VAL C 314 -12.94 -21.79 19.15
C VAL C 314 -11.95 -21.48 17.98
N LEU C 315 -10.73 -22.01 18.04
CA LEU C 315 -9.86 -22.07 16.84
C LEU C 315 -9.84 -23.46 16.28
N VAL C 316 -9.96 -23.55 14.96
CA VAL C 316 -9.83 -24.85 14.33
C VAL C 316 -8.51 -24.93 13.52
N SER C 317 -7.65 -25.86 13.90
CA SER C 317 -6.54 -26.21 13.01
C SER C 317 -7.15 -27.10 11.91
N ALA C 318 -7.67 -26.44 10.87
CA ALA C 318 -8.44 -27.14 9.86
C ALA C 318 -7.59 -27.69 8.71
N GLY C 319 -6.90 -28.81 8.95
CA GLY C 319 -6.29 -29.60 7.87
C GLY C 319 -7.36 -30.40 7.16
N PHE C 320 -7.16 -30.73 5.89
CA PHE C 320 -8.09 -31.58 5.13
C PHE C 320 -7.40 -32.78 4.49
N ASP C 321 -6.31 -33.27 5.09
CA ASP C 321 -5.64 -34.50 4.65
C ASP C 321 -6.32 -35.81 5.12
N ALA C 322 -7.36 -35.69 5.95
CA ALA C 322 -8.19 -36.86 6.28
C ALA C 322 -9.31 -37.05 5.24
N ALA C 323 -9.45 -36.07 4.35
CA ALA C 323 -10.39 -36.18 3.24
C ALA C 323 -10.02 -37.24 2.19
N GLU C 324 -11.03 -37.64 1.45
CA GLU C 324 -10.92 -38.59 0.37
C GLU C 324 -9.93 -38.07 -0.69
N GLY C 325 -9.07 -38.95 -1.18
CA GLY C 325 -8.06 -38.58 -2.17
C GLY C 325 -6.63 -38.33 -1.68
N HIS C 326 -6.31 -38.76 -0.46
CA HIS C 326 -4.95 -38.75 0.08
C HIS C 326 -4.57 -40.20 0.35
N PRO C 327 -3.63 -40.74 -0.44
CA PRO C 327 -3.15 -42.12 -0.35
C PRO C 327 -2.34 -42.35 0.90
N ALA C 328 -2.01 -43.61 1.19
CA ALA C 328 -1.05 -43.94 2.26
C ALA C 328 0.39 -43.84 1.73
N PRO C 329 1.29 -43.13 2.43
CA PRO C 329 1.17 -42.57 3.76
C PRO C 329 1.13 -41.05 3.80
N LEU C 330 0.13 -40.43 3.22
CA LEU C 330 -0.06 -39.02 3.55
C LEU C 330 -1.50 -38.73 3.96
N GLY C 331 -2.15 -39.79 4.43
CA GLY C 331 -3.52 -39.72 4.95
C GLY C 331 -4.11 -41.10 5.04
N GLY C 332 -4.80 -41.49 3.96
CA GLY C 332 -5.38 -42.83 3.83
C GLY C 332 -6.81 -42.89 4.30
N TYR C 333 -7.35 -41.74 4.72
CA TYR C 333 -8.70 -41.65 5.25
C TYR C 333 -9.72 -41.25 4.19
N HIS C 334 -11.00 -41.31 4.56
CA HIS C 334 -12.09 -41.03 3.62
C HIS C 334 -13.15 -40.09 4.18
N VAL C 335 -12.75 -39.02 4.85
CA VAL C 335 -13.74 -38.08 5.38
C VAL C 335 -14.29 -37.21 4.25
N SER C 336 -15.60 -36.97 4.28
CA SER C 336 -16.34 -36.33 3.19
C SER C 336 -16.33 -34.84 3.40
N ALA C 337 -16.43 -34.11 2.30
CA ALA C 337 -16.57 -32.65 2.33
C ALA C 337 -17.72 -32.21 3.23
N LYS C 338 -18.91 -32.82 3.09
CA LYS C 338 -20.09 -32.51 3.95
C LYS C 338 -19.80 -32.72 5.45
N CYS C 339 -19.00 -33.73 5.77
CA CYS C 339 -18.59 -34.02 7.15
C CYS C 339 -17.78 -32.88 7.73
N PHE C 340 -16.73 -32.40 7.03
CA PHE C 340 -16.03 -31.20 7.51
C PHE C 340 -17.03 -30.03 7.70
N GLY C 341 -18.06 -29.98 6.85
CA GLY C 341 -19.00 -28.86 6.93
C GLY C 341 -19.93 -29.03 8.11
N TYR C 342 -20.24 -30.28 8.40
CA TYR C 342 -21.07 -30.63 9.54
C TYR C 342 -20.32 -30.42 10.84
N MET C 343 -19.02 -30.77 10.83
CA MET C 343 -18.18 -30.55 11.97
C MET C 343 -18.08 -29.08 12.29
N THR C 344 -17.86 -28.27 11.24
CA THR C 344 -17.84 -26.78 11.34
C THR C 344 -19.12 -26.20 11.94
N GLN C 345 -20.26 -26.69 11.46
CA GLN C 345 -21.60 -26.30 11.91
C GLN C 345 -21.80 -26.68 13.40
N GLN C 346 -21.46 -27.93 13.73
CA GLN C 346 -21.42 -28.36 15.14
C GLN C 346 -20.65 -27.39 16.01
N LEU C 347 -19.39 -27.11 15.63
CA LEU C 347 -18.54 -26.23 16.43
C LEU C 347 -19.09 -24.80 16.57
N MET C 348 -19.91 -24.40 15.60
CA MET C 348 -20.56 -23.08 15.64
C MET C 348 -21.66 -22.92 16.70
N ASN C 349 -22.14 -24.03 17.25
CA ASN C 349 -23.03 -24.00 18.40
C ASN C 349 -22.31 -23.62 19.68
N LEU C 350 -20.99 -23.51 19.60
CA LEU C 350 -20.14 -23.15 20.75
C LEU C 350 -19.68 -21.71 20.70
N ALA C 351 -19.36 -21.19 21.90
CA ALA C 351 -18.77 -19.88 22.10
C ALA C 351 -19.56 -18.71 21.46
N GLY C 352 -20.88 -18.81 21.42
CA GLY C 352 -21.66 -17.75 20.82
C GLY C 352 -21.45 -17.64 19.31
N GLY C 353 -20.95 -18.72 18.71
CA GLY C 353 -20.76 -18.83 17.25
C GLY C 353 -19.39 -18.40 16.76
N ALA C 354 -18.52 -18.05 17.71
CA ALA C 354 -17.19 -17.46 17.48
C ALA C 354 -16.12 -18.52 17.16
N VAL C 355 -16.08 -18.90 15.90
CA VAL C 355 -15.25 -19.98 15.38
C VAL C 355 -14.33 -19.38 14.31
N VAL C 356 -13.01 -19.67 14.39
CA VAL C 356 -12.00 -19.32 13.39
C VAL C 356 -11.32 -20.60 12.82
N LEU C 357 -11.62 -20.99 11.57
CA LEU C 357 -10.81 -22.00 10.87
C LEU C 357 -9.49 -21.47 10.29
N ALA C 358 -8.41 -22.26 10.45
CA ALA C 358 -7.08 -21.89 9.95
C ALA C 358 -6.56 -23.08 9.16
N LEU C 359 -6.35 -22.87 7.84
CA LEU C 359 -5.90 -23.97 6.98
C LEU C 359 -4.63 -24.58 7.54
N GLU C 360 -4.58 -25.90 7.65
CA GLU C 360 -3.33 -26.57 8.05
C GLU C 360 -2.81 -27.37 6.84
N GLY C 361 -2.99 -28.71 6.86
CA GLY C 361 -2.64 -29.59 5.75
C GLY C 361 -3.76 -30.06 4.84
N GLY C 362 -3.45 -31.08 4.03
CA GLY C 362 -4.32 -31.52 2.92
C GLY C 362 -3.75 -30.98 1.61
N HIS C 363 -3.67 -31.81 0.58
CA HIS C 363 -3.08 -31.35 -0.70
C HIS C 363 -3.75 -31.84 -1.99
N ASP C 364 -4.58 -32.88 -1.91
CA ASP C 364 -5.34 -33.23 -3.08
C ASP C 364 -6.24 -32.03 -3.31
N LEU C 365 -6.10 -31.40 -4.48
CA LEU C 365 -6.73 -30.10 -4.74
C LEU C 365 -8.25 -30.14 -4.76
N THR C 366 -8.86 -31.11 -5.42
CA THR C 366 -10.32 -31.17 -5.37
C THR C 366 -10.79 -31.49 -3.92
N ALA C 367 -10.26 -32.57 -3.33
CA ALA C 367 -10.53 -32.85 -1.90
C ALA C 367 -10.52 -31.59 -1.04
N ILE C 368 -9.47 -30.78 -1.14
CA ILE C 368 -9.30 -29.61 -0.24
C ILE C 368 -10.16 -28.41 -0.60
N CYS C 369 -10.60 -28.38 -1.87
CA CYS C 369 -11.49 -27.34 -2.36
C CYS C 369 -12.94 -27.71 -2.06
N ASP C 370 -13.33 -28.95 -2.31
CA ASP C 370 -14.62 -29.45 -1.85
C ASP C 370 -14.83 -29.21 -0.33
N ALA C 371 -13.81 -29.51 0.48
CA ALA C 371 -13.94 -29.34 1.95
C ALA C 371 -13.94 -27.90 2.42
N SER C 372 -13.10 -27.04 1.82
CA SER C 372 -13.06 -25.61 2.17
C SER C 372 -14.38 -24.95 1.83
N GLU C 373 -14.94 -25.35 0.69
CA GLU C 373 -16.26 -24.90 0.22
C GLU C 373 -17.37 -25.15 1.29
N ALA C 374 -17.68 -26.42 1.51
CA ALA C 374 -18.56 -26.87 2.63
C ALA C 374 -18.34 -26.16 3.98
N CYS C 375 -17.07 -25.98 4.38
CA CYS C 375 -16.73 -25.24 5.60
C CYS C 375 -17.11 -23.76 5.58
N VAL C 376 -16.93 -23.13 4.41
CA VAL C 376 -17.27 -21.72 4.28
C VAL C 376 -18.79 -21.62 4.22
N ALA C 377 -19.38 -22.53 3.46
CA ALA C 377 -20.83 -22.59 3.33
C ALA C 377 -21.45 -22.66 4.72
N ALA C 378 -20.94 -23.61 5.53
CA ALA C 378 -21.45 -23.82 6.89
C ALA C 378 -21.27 -22.60 7.72
N LEU C 379 -20.10 -21.97 7.61
CA LEU C 379 -19.84 -20.72 8.33
C LEU C 379 -20.87 -19.59 8.05
N LEU C 380 -21.43 -19.59 6.84
CA LEU C 380 -22.36 -18.53 6.41
C LEU C 380 -23.78 -18.83 6.87
N GLY C 381 -23.91 -19.83 7.76
CA GLY C 381 -25.19 -20.15 8.36
C GLY C 381 -26.01 -21.16 7.59
N ASN C 382 -25.35 -21.85 6.65
CA ASN C 382 -25.98 -22.90 5.84
C ASN C 382 -25.90 -24.21 6.62
N ARG C 383 -26.94 -25.04 6.55
CA ARG C 383 -27.03 -26.21 7.43
C ARG C 383 -26.97 -27.51 6.65
N VAL C 384 -26.39 -28.54 7.27
CA VAL C 384 -26.25 -29.86 6.67
C VAL C 384 -27.24 -30.84 7.34
N ASP C 385 -28.03 -31.55 6.54
CA ASP C 385 -29.03 -32.50 7.05
C ASP C 385 -28.39 -33.86 7.23
N PRO C 386 -28.23 -34.35 8.48
CA PRO C 386 -27.58 -35.63 8.78
C PRO C 386 -28.41 -36.85 8.34
N LEU C 387 -29.71 -36.63 8.21
CA LEU C 387 -30.64 -37.65 7.70
C LEU C 387 -30.51 -37.85 6.17
N SER C 388 -29.89 -36.89 5.50
CA SER C 388 -29.76 -36.90 4.04
C SER C 388 -28.74 -37.89 3.51
N GLU C 389 -27.77 -38.28 4.34
CA GLU C 389 -26.77 -39.28 3.92
C GLU C 389 -27.07 -40.66 4.49
N GLU C 390 -27.15 -41.65 3.60
CA GLU C 390 -27.35 -43.03 4.02
C GLU C 390 -26.04 -43.58 4.54
N GLY C 391 -24.93 -42.99 4.10
CA GLY C 391 -23.60 -43.40 4.51
C GLY C 391 -23.29 -43.12 5.97
N TRP C 392 -24.12 -42.26 6.59
CA TRP C 392 -23.94 -41.74 7.93
C TRP C 392 -24.83 -42.44 8.97
N LYS C 393 -25.65 -43.38 8.52
CA LYS C 393 -26.51 -44.16 9.42
C LYS C 393 -25.73 -45.41 9.82
N GLN C 394 -24.67 -45.68 9.07
CA GLN C 394 -23.72 -46.76 9.32
C GLN C 394 -22.89 -46.58 10.62
N LYS C 395 -22.51 -47.73 11.21
CA LYS C 395 -21.81 -47.74 12.49
C LYS C 395 -20.29 -47.60 12.31
N PRO C 396 -19.66 -46.85 13.23
CA PRO C 396 -18.20 -46.68 13.25
C PRO C 396 -17.51 -48.04 13.24
N ASN C 397 -16.31 -48.10 12.66
CA ASN C 397 -15.65 -49.39 12.56
C ASN C 397 -15.07 -49.81 13.92
N LEU C 398 -14.59 -51.05 14.03
CA LEU C 398 -14.21 -51.55 15.34
C LEU C 398 -12.89 -50.94 15.78
N ASN C 399 -11.97 -50.72 14.84
CA ASN C 399 -10.75 -49.92 15.13
C ASN C 399 -11.09 -48.61 15.78
N ALA C 400 -12.08 -47.90 15.25
CA ALA C 400 -12.45 -46.60 15.78
C ALA C 400 -13.16 -46.66 17.13
N ILE C 401 -14.01 -47.67 17.31
CA ILE C 401 -14.69 -47.90 18.60
C ILE C 401 -13.68 -48.06 19.74
N ARG C 402 -12.69 -48.93 19.51
CA ARG C 402 -11.63 -49.21 20.45
C ARG C 402 -10.77 -47.98 20.75
N SER C 403 -10.56 -47.11 19.75
CA SER C 403 -9.78 -45.84 19.95
C SER C 403 -10.53 -44.90 20.86
N LEU C 404 -11.84 -44.86 20.67
CA LEU C 404 -12.71 -43.99 21.47
C LEU C 404 -12.89 -44.57 22.86
N GLU C 405 -13.01 -45.90 22.92
CA GLU C 405 -12.99 -46.58 24.21
C GLU C 405 -11.74 -46.15 25.02
N ALA C 406 -10.55 -46.15 24.37
CA ALA C 406 -9.31 -45.65 25.02
C ALA C 406 -9.43 -44.21 25.55
N VAL C 407 -9.90 -43.29 24.69
CA VAL C 407 -10.18 -41.89 25.08
C VAL C 407 -11.08 -41.75 26.33
N ILE C 408 -12.20 -42.44 26.34
CA ILE C 408 -13.17 -42.38 27.47
C ILE C 408 -12.58 -42.82 28.83
N ARG C 409 -11.88 -43.95 28.77
CA ARG C 409 -11.19 -44.56 29.89
C ARG C 409 -10.18 -43.58 30.46
N VAL C 410 -9.43 -42.91 29.58
CA VAL C 410 -8.42 -41.96 30.04
C VAL C 410 -9.09 -40.70 30.59
N HIS C 411 -10.13 -40.22 29.89
CA HIS C 411 -10.69 -38.89 30.21
C HIS C 411 -11.84 -38.89 31.21
N SER C 412 -12.27 -40.09 31.58
CA SER C 412 -13.31 -40.31 32.60
C SER C 412 -12.91 -39.65 33.90
N LYS C 413 -11.61 -39.58 34.11
CA LYS C 413 -10.98 -38.95 35.26
C LYS C 413 -11.08 -37.38 35.35
N TYR C 414 -11.22 -36.72 34.20
CA TYR C 414 -11.17 -35.24 34.15
C TYR C 414 -12.50 -34.56 33.81
N TRP C 415 -13.37 -35.29 33.13
CA TRP C 415 -14.59 -34.76 32.56
C TRP C 415 -15.75 -35.62 32.97
N GLY C 416 -16.73 -35.01 33.66
CA GLY C 416 -18.01 -35.67 33.99
C GLY C 416 -18.70 -36.35 32.81
N CYS C 417 -18.66 -35.71 31.66
CA CYS C 417 -19.23 -36.30 30.45
C CYS C 417 -18.53 -37.58 29.93
N MET C 418 -17.33 -37.88 30.39
CA MET C 418 -16.62 -39.10 30.02
C MET C 418 -16.66 -40.14 31.19
N GLN C 419 -17.28 -39.78 32.31
CA GLN C 419 -17.27 -40.67 33.47
C GLN C 419 -18.42 -41.68 33.34
ZN ZN D . 22.04 22.27 11.22
ZN ZN E . 38.70 24.12 0.94
K K F . 15.16 21.52 12.46
K K G . 3.12 16.86 4.68
O1 SHH H . 21.58 22.12 9.22
O2 SHH H . 24.55 22.70 9.96
N1 SHH H . 22.87 21.81 8.89
C1 SHH H . 23.82 22.73 8.98
C2 SHH H . 23.95 23.74 7.86
C3 SHH H . 24.82 24.93 8.27
C4 SHH H . 24.95 25.95 7.14
C5 SHH H . 25.49 27.26 7.70
ZN ZN I . -11.77 18.10 -25.30
ZN ZN J . 4.66 21.74 -35.56
K K K . -18.03 14.98 -23.71
K K L . -24.97 2.06 -27.49
O1 SHH M . -11.17 16.25 -26.60
O2 SHH M . -9.46 18.39 -26.71
N1 SHH M . -11.14 17.17 -27.64
C1 SHH M . -10.10 18.03 -27.72
C2 SHH M . -9.73 18.44 -29.16
C3 SHH M . -9.91 19.91 -29.51
C4 SHH M . -9.05 20.29 -30.72
C5 SHH M . -9.76 21.15 -31.78
C6 SHH M . -9.87 22.61 -31.35
ZN ZN N . -1.62 -32.89 8.18
ZN ZN O . 13.11 -28.39 -4.44
K K P . -5.12 -33.41 14.37
K K Q . -4.12 -26.89 27.60
O1 SHH R . -0.34 -31.79 9.20
O2 SHH R . 0.48 -32.42 6.51
N1 SHH R . 0.92 -31.76 8.61
C1 SHH R . 1.17 -32.49 7.52
C2 SHH R . 2.35 -33.45 7.62
C3 SHH R . 3.53 -33.09 6.72
C4 SHH R . 4.47 -34.28 6.41
C5 SHH R . 3.72 -35.40 5.68
#